data_8XZD
#
_entry.id   8XZD
#
loop_
_entity.id
_entity.type
_entity.pdbx_description
1 polymer 'Spike protein S1'
2 polymer 'Angiotensin-converting enzyme'
3 non-polymer 'ZINC ION'
#
loop_
_entity_poly.entity_id
_entity_poly.type
_entity_poly.pdbx_seq_one_letter_code
_entity_poly.pdbx_strand_id
1 'polypeptide(L)'
;MHSSALLCCLVLLTGVRARVQPTESIVRFPNITNLCPFDEVFNATTFASVYAWNRKRISNCVADYSVLYNFAPFFAFKCY
GVSPTKLNDLCFTNVYADSFVIRGNEVSQIAPGQTGNIADYNYKLPDDFTGCVIAWNSNKLDSKVGGNYNYRYRLFRKSN
LKPFERDISTEIYQAGNKPCNGVAGVNCYFPLQSYGFRPTYGVGHQPYRVVVLSFELLHAPATVCGPKKSTNLVKNKCVN
FHHHHHH
;
B
2 'polypeptide(L)'
;MSGSSWLLLSLAALTAAQSTEDLVNTFLEKFNYEAEELSYQSSLASWDYNTNISDENVQKMNNAGAKWSAFYEEQSKLAK
TYPLEEIQDSTVKRQLRALQHSGSSVLSADKNQRLNTILNSMSTIYSTGKACNPSNPQECLLLEPGLDDIMENSKDYNER
LWAWEGWRSEVGKQLRPLYEEYVALKNEMARANNYEDYGDYWRGDYEEEWENGYNYSRNQLIDDVEHTFTQIMPLYQHLH
AYVRTKLMDTYPSYISPTGCLPAHLLGDMWGRFWTNLYPLTVPFGQKPNIDVTNAMVNQSWDARKIFKEAEKFFVSVGLP
NMTQGFWENSMLTEPSDSRKVVCHPTAWDLGKGDFRIKMCTKVTMDDFLTAHHEMGHIQYDMAYAAQPFLLRNGANEGFH
EAVGEIMSLSAATPNHLKNIGLLPPSFFEDSETEINFLLKQALTIVGTLPFTYMLEKWRWMVFKGEIPKDQWMKTWWEMK
RNIVGVVEPVPHDETYCDPASLFHVANDYSFIRYYTRTIYQFQFQEALCQIAKHEGPLHKCDISNSSEAGQKLLEMLKLG
KSKPWTYALEIVVGAKNMDVRPLLNYFEPLFTWLKEQNRNSFVGWNTDWSPYA
;
A
#
# COMPACT_ATOMS: atom_id res chain seq x y z
N THR A 33 -10.57 -10.49 62.00
CA THR A 33 -11.10 -9.64 60.95
C THR A 33 -9.99 -8.99 60.14
N ASN A 34 -9.06 -9.80 59.65
CA ASN A 34 -7.93 -9.31 58.87
C ASN A 34 -8.30 -9.31 57.40
N LEU A 35 -8.27 -8.13 56.79
CA LEU A 35 -8.50 -8.01 55.35
C LEU A 35 -7.24 -8.43 54.59
N CYS A 36 -7.41 -9.31 53.62
CA CYS A 36 -6.27 -9.74 52.81
C CYS A 36 -5.75 -8.56 52.00
N PRO A 37 -4.39 -8.41 51.86
CA PRO A 37 -3.94 -7.17 51.21
C PRO A 37 -3.96 -7.15 49.68
N PHE A 38 -5.10 -7.44 49.10
CA PHE A 38 -5.23 -7.39 47.66
C PHE A 38 -5.00 -5.97 47.17
N ASP A 39 -5.49 -5.00 47.92
CA ASP A 39 -5.38 -3.59 47.52
C ASP A 39 -4.01 -3.10 47.07
N GLU A 40 -3.02 -3.21 47.93
CA GLU A 40 -1.68 -2.71 47.62
C GLU A 40 -1.03 -3.40 46.43
N VAL A 41 -1.65 -4.45 45.90
CA VAL A 41 -1.07 -5.17 44.77
C VAL A 41 -1.52 -4.57 43.44
N PHE A 42 -2.79 -4.19 43.34
CA PHE A 42 -3.33 -3.72 42.07
C PHE A 42 -2.72 -2.39 41.65
N ASN A 43 -2.52 -1.48 42.60
CA ASN A 43 -2.08 -0.12 42.31
C ASN A 43 -0.59 0.09 42.60
N ALA A 44 0.21 -0.95 42.48
CA ALA A 44 1.65 -0.80 42.63
C ALA A 44 2.22 0.02 41.47
N THR A 45 3.34 0.70 41.74
CA THR A 45 3.92 1.59 40.74
C THR A 45 4.43 0.81 39.52
N THR A 46 5.05 -0.34 39.73
CA THR A 46 5.61 -1.12 38.64
C THR A 46 5.48 -2.61 38.94
N PHE A 47 5.36 -3.39 37.86
CA PHE A 47 5.35 -4.84 37.92
C PHE A 47 6.58 -5.38 37.20
N ALA A 48 7.03 -6.55 37.64
CA ALA A 48 8.25 -7.12 37.07
C ALA A 48 8.00 -7.60 35.64
N SER A 49 9.05 -8.13 35.02
CA SER A 49 8.97 -8.57 33.64
C SER A 49 8.10 -9.82 33.53
N VAL A 50 7.83 -10.22 32.28
CA VAL A 50 6.96 -11.37 32.04
C VAL A 50 7.60 -12.64 32.56
N TYR A 51 8.89 -12.83 32.29
CA TYR A 51 9.59 -14.03 32.74
C TYR A 51 9.96 -13.97 34.21
N ALA A 52 9.88 -12.84 34.90
CA ALA A 52 10.19 -12.88 36.34
C ALA A 52 8.93 -12.84 37.15
N TRP A 53 8.14 -13.89 37.11
CA TRP A 53 6.85 -13.83 37.77
C TRP A 53 6.84 -13.71 39.29
N ASN A 54 5.91 -12.92 39.82
CA ASN A 54 5.87 -12.67 41.26
C ASN A 54 4.82 -13.50 41.96
N ARG A 55 5.22 -14.19 43.03
CA ARG A 55 4.31 -15.05 43.74
C ARG A 55 4.13 -14.59 45.17
N LYS A 56 2.89 -14.41 45.59
CA LYS A 56 2.63 -14.04 46.97
C LYS A 56 1.62 -15.02 47.52
N ARG A 57 1.88 -15.55 48.70
CA ARG A 57 0.91 -16.43 49.33
C ARG A 57 0.07 -15.61 50.26
N ILE A 58 -1.23 -15.71 50.08
CA ILE A 58 -2.14 -14.96 50.92
C ILE A 58 -2.96 -15.93 51.75
N SER A 59 -2.66 -16.02 53.04
CA SER A 59 -3.37 -16.95 53.92
C SER A 59 -3.66 -16.24 55.24
N ASN A 60 -4.63 -16.80 55.97
CA ASN A 60 -5.02 -16.32 57.29
C ASN A 60 -5.44 -14.85 57.25
N CYS A 61 -6.48 -14.58 56.47
CA CYS A 61 -7.10 -13.26 56.40
C CYS A 61 -8.48 -13.42 55.78
N VAL A 62 -9.14 -12.29 55.50
CA VAL A 62 -10.46 -12.29 54.87
C VAL A 62 -10.34 -11.51 53.56
N ALA A 63 -10.74 -12.14 52.47
CA ALA A 63 -10.73 -11.52 51.15
C ALA A 63 -12.16 -11.43 50.63
N ASP A 64 -12.56 -10.22 50.23
CA ASP A 64 -13.91 -9.96 49.72
C ASP A 64 -13.79 -9.53 48.26
N TYR A 65 -14.35 -10.35 47.37
CA TYR A 65 -14.34 -10.05 45.94
C TYR A 65 -15.54 -9.23 45.50
N SER A 66 -16.49 -8.98 46.40
CA SER A 66 -17.65 -8.16 46.05
C SER A 66 -17.28 -6.70 45.83
N VAL A 67 -16.09 -6.28 46.26
CA VAL A 67 -15.64 -4.91 46.01
C VAL A 67 -15.45 -4.69 44.51
N LEU A 68 -14.79 -5.62 43.84
CA LEU A 68 -14.60 -5.54 42.40
C LEU A 68 -15.66 -6.29 41.60
N TYR A 69 -16.56 -7.00 42.28
CA TYR A 69 -17.57 -7.76 41.57
C TYR A 69 -18.62 -6.86 40.92
N ASN A 70 -18.86 -5.72 41.53
CA ASN A 70 -19.82 -4.76 40.99
C ASN A 70 -19.09 -3.65 40.24
N PHE A 71 -17.85 -3.38 40.62
CA PHE A 71 -17.13 -2.26 40.00
C PHE A 71 -16.91 -2.44 38.52
N ALA A 72 -16.47 -3.63 38.11
CA ALA A 72 -16.23 -3.94 36.70
C ALA A 72 -15.32 -3.04 35.83
N PRO A 73 -14.19 -2.52 36.36
CA PRO A 73 -13.32 -1.74 35.47
C PRO A 73 -12.73 -2.66 34.41
N PHE A 74 -12.39 -3.88 34.80
CA PHE A 74 -11.72 -4.81 33.91
C PHE A 74 -12.44 -5.23 32.66
N PHE A 75 -11.69 -5.39 31.58
CA PHE A 75 -12.34 -5.92 30.38
C PHE A 75 -12.74 -7.37 30.63
N ALA A 76 -11.89 -8.12 31.35
CA ALA A 76 -12.21 -9.51 31.61
C ALA A 76 -12.20 -9.90 33.06
N PHE A 77 -13.27 -10.52 33.54
CA PHE A 77 -13.30 -11.05 34.90
C PHE A 77 -13.24 -12.52 34.66
N LYS A 78 -12.97 -12.97 33.44
CA LYS A 78 -13.03 -14.43 33.14
C LYS A 78 -12.51 -15.37 34.25
N CYS A 79 -13.36 -16.26 34.73
CA CYS A 79 -12.97 -17.15 35.82
C CYS A 79 -13.19 -18.59 35.44
N TYR A 80 -12.46 -19.50 36.07
CA TYR A 80 -12.59 -20.92 35.77
C TYR A 80 -12.71 -21.65 37.07
N GLY A 81 -13.59 -22.64 37.15
CA GLY A 81 -13.63 -23.42 38.39
C GLY A 81 -14.64 -22.97 39.43
N VAL A 82 -14.62 -21.69 39.79
CA VAL A 82 -15.50 -21.13 40.80
C VAL A 82 -16.34 -20.04 40.16
N SER A 83 -17.65 -20.09 40.38
CA SER A 83 -18.55 -19.07 39.86
C SER A 83 -18.47 -17.81 40.71
N PRO A 84 -18.28 -16.64 40.10
CA PRO A 84 -18.19 -15.41 40.91
C PRO A 84 -19.49 -15.03 41.59
N THR A 85 -20.62 -15.61 41.20
CA THR A 85 -21.93 -15.22 41.73
C THR A 85 -22.10 -15.80 43.14
N LYS A 86 -21.42 -15.15 44.09
CA LYS A 86 -21.55 -15.47 45.52
C LYS A 86 -21.18 -16.92 45.81
N LEU A 87 -19.92 -17.26 45.53
CA LEU A 87 -19.35 -18.55 45.90
C LEU A 87 -18.16 -18.41 46.82
N ASN A 88 -18.07 -17.29 47.54
CA ASN A 88 -17.01 -17.08 48.52
C ASN A 88 -17.30 -17.77 49.84
N ASP A 89 -18.42 -18.48 49.94
CA ASP A 89 -18.77 -19.23 51.13
C ASP A 89 -17.92 -20.47 51.34
N LEU A 90 -17.20 -20.91 50.31
CA LEU A 90 -16.32 -22.06 50.39
C LEU A 90 -15.01 -21.70 51.06
N CYS A 91 -14.22 -22.71 51.41
CA CYS A 91 -12.96 -22.54 52.11
C CYS A 91 -11.81 -23.01 51.23
N PHE A 92 -10.75 -22.21 51.18
CA PHE A 92 -9.56 -22.51 50.40
C PHE A 92 -8.34 -22.50 51.31
N THR A 93 -7.30 -23.23 50.89
CA THR A 93 -6.10 -23.35 51.69
C THR A 93 -5.22 -22.11 51.56
N ASN A 94 -4.87 -21.73 50.33
CA ASN A 94 -4.00 -20.59 50.08
C ASN A 94 -4.47 -19.83 48.85
N VAL A 95 -4.03 -18.58 48.73
CA VAL A 95 -4.34 -17.75 47.58
C VAL A 95 -3.03 -17.31 46.93
N TYR A 96 -2.88 -17.60 45.65
CA TYR A 96 -1.75 -17.12 44.86
C TYR A 96 -2.17 -15.87 44.10
N ALA A 97 -1.30 -14.87 44.12
CA ALA A 97 -1.63 -13.55 43.59
C ALA A 97 -0.74 -13.19 42.40
N ASP A 98 -0.66 -14.09 41.43
CA ASP A 98 0.22 -13.92 40.30
C ASP A 98 -0.06 -12.59 39.60
N SER A 99 1.01 -11.90 39.20
CA SER A 99 0.83 -10.60 38.56
C SER A 99 1.96 -10.34 37.57
N PHE A 100 1.61 -9.76 36.43
CA PHE A 100 2.60 -9.33 35.45
C PHE A 100 1.94 -8.40 34.45
N VAL A 101 2.69 -8.02 33.41
CA VAL A 101 2.20 -7.16 32.34
C VAL A 101 2.71 -7.71 31.01
N ILE A 102 1.84 -7.77 30.02
CA ILE A 102 2.15 -8.36 28.72
C ILE A 102 1.58 -7.48 27.61
N ARG A 103 1.71 -7.97 26.38
CA ARG A 103 1.06 -7.33 25.25
C ARG A 103 -0.44 -7.59 25.29
N GLY A 104 -1.22 -6.83 24.54
CA GLY A 104 -2.66 -7.03 24.49
C GLY A 104 -3.18 -8.33 23.88
N ASN A 105 -2.77 -8.70 22.68
CA ASN A 105 -3.32 -9.88 22.03
C ASN A 105 -3.04 -11.10 22.82
N GLU A 106 -1.85 -11.17 23.38
CA GLU A 106 -1.51 -12.30 24.22
C GLU A 106 -2.37 -12.45 25.47
N VAL A 107 -3.34 -11.60 25.76
CA VAL A 107 -4.14 -11.86 26.97
C VAL A 107 -4.86 -13.19 26.91
N SER A 108 -5.18 -13.64 25.70
CA SER A 108 -5.89 -14.89 25.52
C SER A 108 -5.11 -16.07 25.98
N GLN A 109 -3.81 -16.05 25.72
CA GLN A 109 -3.01 -17.18 26.05
C GLN A 109 -3.00 -17.42 27.52
N ILE A 110 -3.40 -16.43 28.31
CA ILE A 110 -3.48 -16.76 29.74
C ILE A 110 -4.81 -17.46 29.95
N ALA A 111 -4.89 -18.68 29.40
CA ALA A 111 -6.11 -19.49 29.49
C ALA A 111 -5.66 -20.93 29.37
N PRO A 112 -6.41 -21.88 29.94
CA PRO A 112 -5.98 -23.26 29.92
C PRO A 112 -5.88 -23.88 28.56
N GLY A 113 -4.90 -24.76 28.38
CA GLY A 113 -4.77 -25.44 27.10
C GLY A 113 -4.61 -24.62 25.83
N GLN A 114 -3.80 -23.57 25.84
CA GLN A 114 -3.57 -22.80 24.64
C GLN A 114 -2.07 -22.72 24.43
N THR A 115 -1.60 -22.75 23.19
CA THR A 115 -0.17 -22.72 22.93
C THR A 115 0.26 -21.54 22.07
N GLY A 116 1.23 -20.79 22.54
CA GLY A 116 1.68 -19.59 21.84
C GLY A 116 2.97 -19.28 22.54
N ASN A 117 3.69 -18.26 22.14
CA ASN A 117 5.01 -18.03 22.74
C ASN A 117 4.94 -17.81 24.21
N ILE A 118 3.99 -17.01 24.63
CA ILE A 118 3.88 -16.69 26.02
C ILE A 118 3.57 -17.94 26.76
N ALA A 119 2.67 -18.72 26.24
CA ALA A 119 2.42 -19.99 26.90
C ALA A 119 3.61 -20.94 26.87
N ASP A 120 4.25 -21.05 25.73
CA ASP A 120 5.32 -22.03 25.61
C ASP A 120 6.53 -21.80 26.44
N TYR A 121 7.00 -20.57 26.50
CA TYR A 121 8.23 -20.31 27.20
C TYR A 121 8.13 -19.29 28.33
N ASN A 122 6.93 -18.76 28.61
CA ASN A 122 6.86 -17.73 29.64
C ASN A 122 6.09 -18.01 30.92
N TYR A 123 4.84 -18.44 30.82
CA TYR A 123 4.02 -18.75 32.00
C TYR A 123 3.09 -19.85 31.57
N LYS A 124 2.61 -20.68 32.48
CA LYS A 124 1.80 -21.81 32.08
C LYS A 124 0.60 -21.96 32.93
N LEU A 125 -0.47 -22.48 32.35
CA LEU A 125 -1.65 -22.74 33.13
C LEU A 125 -1.97 -24.18 32.90
N PRO A 126 -2.19 -24.92 33.98
CA PRO A 126 -2.64 -26.29 33.79
C PRO A 126 -4.05 -26.25 33.28
N ASP A 127 -4.45 -27.28 32.57
CA ASP A 127 -5.81 -27.34 32.07
C ASP A 127 -6.80 -27.35 33.21
N ASP A 128 -6.40 -27.91 34.34
CA ASP A 128 -7.29 -28.04 35.48
C ASP A 128 -7.32 -26.84 36.41
N PHE A 129 -6.68 -25.73 36.03
CA PHE A 129 -6.59 -24.59 36.93
C PHE A 129 -7.91 -24.02 37.43
N THR A 130 -7.98 -23.71 38.72
CA THR A 130 -9.17 -23.10 39.28
C THR A 130 -8.77 -21.77 39.89
N GLY A 131 -9.46 -20.70 39.54
CA GLY A 131 -9.08 -19.39 40.03
C GLY A 131 -9.49 -18.35 39.01
N CYS A 132 -9.18 -17.08 39.26
CA CYS A 132 -9.63 -16.01 38.37
C CYS A 132 -8.57 -15.20 37.63
N VAL A 133 -8.76 -15.01 36.33
CA VAL A 133 -7.83 -14.18 35.57
C VAL A 133 -8.48 -12.82 35.29
N ILE A 134 -7.83 -11.75 35.74
CA ILE A 134 -8.39 -10.43 35.56
C ILE A 134 -7.37 -9.56 34.88
N ALA A 135 -7.77 -8.83 33.85
CA ALA A 135 -6.82 -8.00 33.14
C ALA A 135 -7.37 -6.66 32.71
N TRP A 136 -6.50 -5.67 32.61
CA TRP A 136 -6.92 -4.34 32.21
C TRP A 136 -5.85 -3.66 31.39
N ASN A 137 -6.23 -2.65 30.63
CA ASN A 137 -5.26 -1.92 29.85
C ASN A 137 -4.64 -0.87 30.71
N SER A 138 -3.32 -0.78 30.72
CA SER A 138 -2.70 0.30 31.45
C SER A 138 -1.67 0.95 30.58
N ASN A 139 -2.10 1.46 29.46
CA ASN A 139 -1.18 2.13 28.58
C ASN A 139 -0.66 3.33 29.25
N LYS A 140 -1.53 4.05 29.94
CA LYS A 140 -1.11 5.31 30.50
C LYS A 140 0.02 5.21 31.49
N LEU A 141 -0.05 4.30 32.44
CA LEU A 141 1.08 4.15 33.34
C LEU A 141 2.32 3.60 32.69
N ASP A 142 2.17 2.51 31.96
CA ASP A 142 3.31 1.86 31.33
C ASP A 142 4.00 2.55 30.18
N SER A 143 3.24 3.12 29.27
CA SER A 143 3.86 3.67 28.07
C SER A 143 4.71 4.88 28.31
N LYS A 144 5.86 4.92 27.63
CA LYS A 144 6.76 6.03 27.77
C LYS A 144 7.14 6.50 26.39
N VAL A 145 7.22 7.81 26.20
CA VAL A 145 7.64 8.33 24.93
C VAL A 145 9.07 7.90 24.71
N GLY A 146 9.38 7.48 23.49
CA GLY A 146 10.72 6.98 23.22
C GLY A 146 10.80 5.52 23.60
N GLY A 147 9.71 4.95 24.08
CA GLY A 147 9.68 3.56 24.44
C GLY A 147 9.99 3.29 25.89
N ASN A 148 9.43 2.21 26.43
CA ASN A 148 9.74 1.83 27.78
C ASN A 148 10.41 0.52 27.56
N TYR A 149 11.62 0.36 28.07
CA TYR A 149 12.34 -0.86 27.76
C TYR A 149 12.57 -1.81 28.92
N ASN A 150 11.77 -1.68 29.97
CA ASN A 150 11.98 -2.51 31.15
C ASN A 150 11.20 -3.82 31.22
N TYR A 151 10.39 -4.12 30.23
CA TYR A 151 9.66 -5.37 30.23
C TYR A 151 10.22 -6.30 29.16
N ARG A 152 10.54 -7.55 29.53
CA ARG A 152 11.16 -8.48 28.59
C ARG A 152 10.54 -9.87 28.55
N TYR A 153 10.77 -10.62 27.47
CA TYR A 153 10.16 -11.93 27.29
C TYR A 153 11.10 -12.89 26.56
N ARG A 154 10.99 -14.19 26.82
CA ARG A 154 11.90 -15.17 26.21
C ARG A 154 11.40 -15.78 24.90
N LEU A 155 11.99 -15.38 23.78
CA LEU A 155 11.55 -15.86 22.46
C LEU A 155 11.71 -17.34 22.13
N PHE A 156 12.85 -17.93 22.46
CA PHE A 156 13.08 -19.32 22.08
C PHE A 156 13.62 -20.11 23.25
N ARG A 157 13.25 -21.37 23.34
CA ARG A 157 13.75 -22.21 24.41
C ARG A 157 14.04 -23.58 23.88
N LYS A 158 14.95 -24.30 24.53
CA LYS A 158 15.29 -25.65 24.11
C LYS A 158 14.07 -26.54 24.18
N SER A 159 13.24 -26.37 25.21
CA SER A 159 12.02 -27.15 25.31
C SER A 159 10.81 -26.34 25.72
N ASN A 160 9.81 -26.99 26.29
CA ASN A 160 8.64 -26.30 26.82
C ASN A 160 8.61 -26.22 28.34
N LEU A 161 7.86 -25.26 28.88
CA LEU A 161 7.79 -25.06 30.33
C LEU A 161 6.92 -26.20 30.82
N LYS A 162 7.13 -26.60 32.08
CA LYS A 162 6.27 -27.59 32.72
C LYS A 162 5.36 -26.71 33.59
N PRO A 163 4.35 -27.27 34.29
CA PRO A 163 3.44 -26.34 34.99
C PRO A 163 3.95 -25.46 36.11
N PHE A 164 3.41 -24.24 36.19
CA PHE A 164 3.82 -23.29 37.22
C PHE A 164 5.31 -23.24 37.52
N GLU A 165 6.13 -23.22 36.48
CA GLU A 165 7.57 -23.15 36.61
C GLU A 165 8.30 -21.89 36.23
N ARG A 166 9.47 -21.62 36.80
CA ARG A 166 10.18 -20.37 36.53
C ARG A 166 11.56 -20.64 35.97
N ASP A 167 11.90 -20.04 34.84
CA ASP A 167 13.25 -20.15 34.35
C ASP A 167 13.75 -18.73 34.28
N ILE A 168 14.85 -18.44 34.94
CA ILE A 168 15.41 -17.10 34.83
C ILE A 168 16.74 -17.13 34.12
N SER A 169 17.11 -18.26 33.55
CA SER A 169 18.43 -18.37 32.94
C SER A 169 18.67 -17.46 31.76
N THR A 170 19.84 -16.87 31.70
CA THR A 170 20.18 -15.98 30.60
C THR A 170 21.20 -16.57 29.64
N GLU A 171 21.51 -17.86 29.77
CA GLU A 171 22.51 -18.48 28.91
C GLU A 171 22.05 -18.44 27.47
N ILE A 172 22.97 -18.18 26.54
CA ILE A 172 22.58 -18.05 25.14
C ILE A 172 21.96 -19.29 24.53
N TYR A 173 20.84 -19.10 23.82
CA TYR A 173 20.19 -20.22 23.15
C TYR A 173 21.00 -20.62 21.94
N GLN A 174 21.06 -21.93 21.68
CA GLN A 174 21.81 -22.41 20.54
C GLN A 174 20.90 -23.22 19.64
N ALA A 175 20.83 -22.85 18.37
CA ALA A 175 20.05 -23.64 17.42
C ALA A 175 20.95 -24.56 16.62
N GLY A 176 22.18 -24.12 16.37
CA GLY A 176 23.09 -24.90 15.55
C GLY A 176 23.67 -26.08 16.29
N ASN A 177 23.91 -27.17 15.58
CA ASN A 177 24.56 -28.33 16.20
C ASN A 177 26.04 -28.07 16.44
N LYS A 178 26.61 -27.21 15.62
CA LYS A 178 28.00 -26.82 15.77
C LYS A 178 28.02 -26.07 17.09
N PRO A 179 29.07 -26.30 17.96
CA PRO A 179 28.96 -25.58 19.25
C PRO A 179 28.92 -24.07 19.18
N CYS A 180 28.09 -23.47 20.03
CA CYS A 180 28.01 -22.02 20.10
C CYS A 180 29.32 -21.42 20.56
N ASN A 181 29.99 -22.09 21.50
CA ASN A 181 31.25 -21.62 22.07
C ASN A 181 31.08 -20.32 22.83
N GLY A 182 29.88 -20.10 23.37
CA GLY A 182 29.64 -18.94 24.20
C GLY A 182 29.80 -17.57 23.57
N VAL A 183 29.58 -17.47 22.27
CA VAL A 183 29.65 -16.17 21.61
C VAL A 183 28.49 -16.03 20.66
N ALA A 184 28.14 -14.80 20.30
CA ALA A 184 27.10 -14.62 19.31
C ALA A 184 27.63 -15.23 18.03
N GLY A 185 26.82 -16.02 17.35
CA GLY A 185 27.31 -16.73 16.18
C GLY A 185 26.16 -17.11 15.27
N VAL A 186 26.46 -17.73 14.14
CA VAL A 186 25.40 -18.19 13.27
C VAL A 186 24.55 -19.17 14.04
N ASN A 187 23.24 -19.01 13.99
CA ASN A 187 22.32 -19.86 14.73
C ASN A 187 22.53 -19.80 16.24
N CYS A 188 23.01 -18.68 16.77
CA CYS A 188 23.15 -18.52 18.21
C CYS A 188 22.53 -17.20 18.65
N TYR A 189 21.54 -17.23 19.55
CA TYR A 189 20.85 -16.00 19.94
C TYR A 189 20.56 -15.88 21.44
N PHE A 190 20.69 -14.67 22.00
CA PHE A 190 20.36 -14.44 23.42
C PHE A 190 18.87 -14.65 23.59
N PRO A 191 18.45 -15.27 24.70
CA PRO A 191 17.04 -15.60 24.88
C PRO A 191 16.00 -14.50 24.96
N LEU A 192 16.28 -13.38 25.62
CA LEU A 192 15.25 -12.37 25.82
C LEU A 192 15.25 -11.12 24.95
N GLN A 193 14.07 -10.63 24.63
CA GLN A 193 13.93 -9.43 23.81
C GLN A 193 12.97 -8.48 24.50
N SER A 194 13.06 -7.20 24.21
CA SER A 194 12.23 -6.23 24.92
C SER A 194 10.97 -5.79 24.21
N TYR A 195 9.89 -5.60 24.96
CA TYR A 195 8.62 -5.20 24.38
C TYR A 195 8.65 -3.84 23.69
N GLY A 196 9.37 -2.88 24.26
CA GLY A 196 9.42 -1.55 23.70
C GLY A 196 8.10 -0.82 23.54
N PHE A 197 7.29 -0.84 24.58
CA PHE A 197 5.98 -0.23 24.49
C PHE A 197 6.05 1.27 24.21
N ARG A 198 5.20 1.74 23.30
CA ARG A 198 5.19 3.16 22.94
C ARG A 198 3.75 3.64 22.93
N PRO A 199 3.52 4.95 23.12
CA PRO A 199 2.15 5.47 23.20
C PRO A 199 1.28 5.30 21.95
N THR A 200 1.82 5.48 20.75
CA THR A 200 1.01 5.41 19.54
C THR A 200 0.62 4.02 18.97
N TYR A 201 0.82 2.93 19.69
CA TYR A 201 0.39 1.58 19.23
C TYR A 201 -1.11 1.22 19.15
N GLY A 202 -1.47 0.15 18.41
CA GLY A 202 -2.85 -0.27 18.33
C GLY A 202 -3.27 -0.97 19.61
N VAL A 203 -4.57 -1.25 19.70
CA VAL A 203 -5.10 -1.87 20.91
C VAL A 203 -4.45 -3.23 21.14
N GLY A 204 -4.07 -3.92 20.07
CA GLY A 204 -3.43 -5.21 20.22
C GLY A 204 -2.05 -5.14 20.84
N HIS A 205 -1.26 -4.14 20.47
CA HIS A 205 0.12 -4.01 20.92
C HIS A 205 0.27 -3.21 22.21
N GLN A 206 -0.82 -2.60 22.71
CA GLN A 206 -0.75 -1.77 23.90
C GLN A 206 -0.59 -2.62 25.15
N PRO A 207 0.09 -2.11 26.18
CA PRO A 207 0.38 -2.94 27.35
C PRO A 207 -0.86 -3.22 28.18
N TYR A 208 -0.99 -4.47 28.61
CA TYR A 208 -2.11 -4.90 29.43
C TYR A 208 -1.56 -5.54 30.70
N ARG A 209 -2.07 -5.12 31.85
CA ARG A 209 -1.66 -5.68 33.12
C ARG A 209 -2.62 -6.78 33.52
N VAL A 210 -2.05 -7.93 33.92
CA VAL A 210 -2.80 -9.16 34.18
C VAL A 210 -2.52 -9.60 35.60
N VAL A 211 -3.59 -9.90 36.34
CA VAL A 211 -3.51 -10.46 37.68
C VAL A 211 -4.30 -11.76 37.70
N VAL A 212 -3.66 -12.84 38.14
CA VAL A 212 -4.27 -14.15 38.26
C VAL A 212 -4.37 -14.50 39.74
N LEU A 213 -5.59 -14.61 40.23
CA LEU A 213 -5.86 -15.03 41.59
C LEU A 213 -6.22 -16.51 41.57
N SER A 214 -5.33 -17.34 42.11
CA SER A 214 -5.51 -18.78 42.12
C SER A 214 -5.86 -19.23 43.53
N PHE A 215 -6.97 -19.95 43.66
CA PHE A 215 -7.46 -20.43 44.95
C PHE A 215 -7.03 -21.88 45.11
N GLU A 216 -5.89 -22.11 45.77
CA GLU A 216 -5.34 -23.44 45.93
C GLU A 216 -5.97 -24.09 47.16
N LEU A 217 -6.60 -25.24 46.97
CA LEU A 217 -7.27 -25.97 48.03
C LEU A 217 -6.83 -27.43 47.99
N LEU A 218 -6.43 -27.95 49.15
CA LEU A 218 -5.99 -29.33 49.28
C LEU A 218 -6.61 -29.91 50.55
N HIS A 219 -6.14 -31.09 50.96
CA HIS A 219 -6.60 -31.69 52.21
C HIS A 219 -6.02 -30.92 53.39
N ALA A 220 -6.77 -29.94 53.89
CA ALA A 220 -6.30 -29.04 54.94
C ALA A 220 -7.51 -28.39 55.59
N PRO A 221 -7.36 -27.81 56.77
CA PRO A 221 -8.48 -27.07 57.38
C PRO A 221 -8.98 -25.93 56.52
N ALA A 222 -8.11 -25.33 55.70
CA ALA A 222 -8.49 -24.29 54.75
C ALA A 222 -9.16 -23.10 55.45
N THR A 223 -8.37 -22.43 56.29
CA THR A 223 -8.87 -21.28 57.03
C THR A 223 -9.16 -20.07 56.15
N VAL A 224 -8.67 -20.07 54.90
CA VAL A 224 -8.86 -18.93 54.00
C VAL A 224 -10.12 -19.20 53.19
N CYS A 225 -11.27 -18.81 53.76
CA CYS A 225 -12.55 -18.99 53.12
C CYS A 225 -13.13 -17.69 52.57
N GLY A 226 -12.90 -16.57 53.23
CA GLY A 226 -13.41 -15.30 52.79
C GLY A 226 -14.93 -15.18 52.90
N PRO A 227 -15.45 -15.11 54.13
CA PRO A 227 -16.90 -15.03 54.37
C PRO A 227 -17.54 -13.81 53.72
N GLN B 18 19.54 -31.80 12.50
CA GLN B 18 18.61 -30.71 12.36
C GLN B 18 18.38 -30.35 10.91
N SER B 19 17.13 -30.26 10.53
CA SER B 19 16.84 -29.95 9.14
C SER B 19 17.24 -28.54 8.97
N THR B 20 17.48 -28.15 7.74
CA THR B 20 17.78 -26.76 7.52
C THR B 20 16.44 -26.08 7.68
N GLU B 21 15.40 -26.88 7.52
CA GLU B 21 14.08 -26.34 7.67
C GLU B 21 14.13 -25.89 9.11
N ASP B 22 14.62 -26.73 10.00
CA ASP B 22 14.59 -26.35 11.38
C ASP B 22 15.41 -25.12 11.63
N LEU B 23 16.59 -25.09 11.06
CA LEU B 23 17.43 -23.98 11.31
C LEU B 23 16.75 -22.79 10.73
N VAL B 24 16.16 -22.95 9.57
CA VAL B 24 15.58 -21.81 8.93
C VAL B 24 14.47 -21.24 9.76
N ASN B 25 13.62 -22.07 10.33
CA ASN B 25 12.54 -21.45 11.06
C ASN B 25 13.02 -20.63 12.23
N THR B 26 14.01 -21.08 12.96
CA THR B 26 14.47 -20.25 14.03
C THR B 26 15.02 -18.95 13.55
N PHE B 27 15.74 -18.95 12.45
CA PHE B 27 16.35 -17.73 11.99
C PHE B 27 15.26 -16.79 11.69
N LEU B 28 14.22 -17.28 11.08
CA LEU B 28 13.21 -16.37 10.67
C LEU B 28 12.48 -15.77 11.84
N GLU B 29 12.46 -16.42 12.99
CA GLU B 29 11.82 -15.80 14.12
C GLU B 29 12.67 -14.69 14.68
N LYS B 30 13.98 -14.86 14.73
CA LYS B 30 14.81 -13.78 15.21
C LYS B 30 14.56 -12.53 14.42
N PHE B 31 14.57 -12.65 13.12
CA PHE B 31 14.37 -11.50 12.32
C PHE B 31 13.09 -10.81 12.52
N ASN B 32 12.02 -11.55 12.70
CA ASN B 32 10.76 -10.86 12.72
C ASN B 32 10.59 -9.85 13.81
N TYR B 33 10.92 -10.15 15.05
CA TYR B 33 10.71 -9.08 16.01
C TYR B 33 11.73 -8.03 15.80
N GLU B 34 12.95 -8.35 15.40
CA GLU B 34 13.93 -7.27 15.27
C GLU B 34 13.56 -6.30 14.18
N ALA B 35 13.00 -6.80 13.09
CA ALA B 35 12.62 -5.95 11.98
C ALA B 35 11.52 -4.95 12.23
N GLU B 36 10.46 -5.36 12.90
CA GLU B 36 9.34 -4.46 13.08
C GLU B 36 9.67 -3.25 13.89
N GLU B 37 10.46 -3.41 14.94
CA GLU B 37 10.71 -2.29 15.82
C GLU B 37 11.61 -1.27 15.19
N LEU B 38 12.61 -1.71 14.45
CA LEU B 38 13.45 -0.79 13.75
C LEU B 38 12.72 -0.05 12.68
N SER B 39 11.83 -0.72 11.99
CA SER B 39 11.05 -0.05 11.01
C SER B 39 10.15 1.00 11.58
N TYR B 40 9.53 0.74 12.71
CA TYR B 40 8.59 1.70 13.22
C TYR B 40 9.31 2.94 13.51
N GLN B 41 10.49 2.85 14.07
CA GLN B 41 11.18 4.06 14.44
C GLN B 41 11.45 4.83 13.20
N SER B 42 11.84 4.17 12.14
CA SER B 42 12.16 4.92 10.98
C SER B 42 10.96 5.64 10.50
N SER B 43 9.83 4.98 10.49
CA SER B 43 8.65 5.59 9.96
C SER B 43 8.20 6.78 10.74
N LEU B 44 8.31 6.72 12.04
CA LEU B 44 7.80 7.80 12.83
C LEU B 44 8.57 8.99 12.44
N ALA B 45 9.86 8.83 12.21
CA ALA B 45 10.65 9.99 11.89
C ALA B 45 10.23 10.67 10.60
N SER B 46 9.92 9.91 9.58
CA SER B 46 9.46 10.51 8.36
C SER B 46 8.17 11.27 8.49
N TRP B 47 7.25 10.77 9.30
CA TRP B 47 6.03 11.50 9.49
C TRP B 47 6.38 12.79 10.08
N ASP B 48 7.26 12.82 11.05
CA ASP B 48 7.52 14.08 11.67
C ASP B 48 8.10 15.08 10.73
N TYR B 49 9.00 14.66 9.86
CA TYR B 49 9.49 15.63 8.92
C TYR B 49 8.42 16.12 8.00
N ASN B 50 7.61 15.24 7.50
CA ASN B 50 6.65 15.69 6.54
C ASN B 50 5.68 16.65 7.16
N THR B 51 5.21 16.39 8.34
CA THR B 51 4.35 17.36 8.99
C THR B 51 4.96 18.68 9.44
N ASN B 52 6.15 18.67 10.01
CA ASN B 52 6.77 19.93 10.39
C ASN B 52 8.07 19.94 9.67
N ILE B 53 8.24 20.83 8.73
CA ILE B 53 9.47 20.77 7.97
C ILE B 53 10.44 21.73 8.58
N SER B 54 11.50 21.20 9.15
CA SER B 54 12.51 22.02 9.78
C SER B 54 13.79 21.30 9.56
N ASP B 55 14.91 21.99 9.64
CA ASP B 55 16.18 21.37 9.38
C ASP B 55 16.56 20.26 10.33
N GLU B 56 16.25 20.46 11.59
CA GLU B 56 16.63 19.47 12.58
C GLU B 56 15.95 18.17 12.22
N ASN B 57 14.70 18.23 11.78
CA ASN B 57 13.97 17.03 11.47
C ASN B 57 14.65 16.25 10.38
N VAL B 58 15.22 16.93 9.40
CA VAL B 58 15.81 16.21 8.32
C VAL B 58 16.88 15.35 8.89
N GLN B 59 17.64 15.88 9.84
CA GLN B 59 18.75 15.09 10.34
C GLN B 59 18.29 13.84 11.02
N LYS B 60 17.26 13.94 11.82
CA LYS B 60 16.84 12.79 12.54
C LYS B 60 16.41 11.74 11.58
N MET B 61 15.73 12.14 10.53
CA MET B 61 15.21 11.15 9.61
C MET B 61 16.34 10.37 9.02
N ASN B 62 17.38 11.07 8.63
CA ASN B 62 18.47 10.40 7.98
C ASN B 62 19.12 9.42 8.91
N ASN B 63 19.30 9.79 10.15
CA ASN B 63 20.01 8.90 11.02
C ASN B 63 19.28 7.60 11.22
N ALA B 64 17.98 7.68 11.45
CA ALA B 64 17.24 6.48 11.72
C ALA B 64 17.18 5.55 10.55
N GLY B 65 17.06 6.11 9.36
CA GLY B 65 16.91 5.28 8.20
C GLY B 65 18.11 4.41 8.02
N ALA B 66 19.26 4.94 8.33
CA ALA B 66 20.45 4.19 8.13
C ALA B 66 20.43 2.93 8.93
N LYS B 67 19.94 3.01 10.16
CA LYS B 67 19.98 1.84 10.96
C LYS B 67 19.17 0.75 10.32
N TRP B 68 18.00 1.08 9.79
CA TRP B 68 17.18 0.03 9.24
C TRP B 68 17.86 -0.62 8.07
N SER B 69 18.47 0.16 7.21
CA SER B 69 19.08 -0.43 6.07
C SER B 69 20.17 -1.33 6.50
N ALA B 70 20.96 -0.92 7.47
CA ALA B 70 22.10 -1.73 7.86
C ALA B 70 21.59 -3.10 8.24
N PHE B 71 20.48 -3.14 8.95
CA PHE B 71 19.97 -4.41 9.41
C PHE B 71 19.60 -5.29 8.26
N TYR B 72 18.91 -4.74 7.27
CA TYR B 72 18.47 -5.57 6.17
C TYR B 72 19.63 -6.11 5.39
N GLU B 73 20.61 -5.27 5.13
CA GLU B 73 21.71 -5.71 4.31
C GLU B 73 22.50 -6.82 4.96
N GLU B 74 22.81 -6.65 6.23
CA GLU B 74 23.62 -7.66 6.89
C GLU B 74 22.85 -8.96 6.95
N GLN B 75 21.56 -8.88 7.26
CA GLN B 75 20.76 -10.07 7.33
C GLN B 75 20.62 -10.78 6.00
N SER B 76 20.49 -10.01 4.92
CA SER B 76 20.34 -10.62 3.62
C SER B 76 21.59 -11.37 3.31
N LYS B 77 22.73 -10.77 3.64
CA LYS B 77 24.00 -11.41 3.38
C LYS B 77 24.07 -12.67 4.18
N LEU B 78 23.53 -12.63 5.39
CA LEU B 78 23.60 -13.78 6.26
C LEU B 78 22.87 -14.97 5.71
N ALA B 79 21.82 -14.67 4.94
CA ALA B 79 20.93 -15.73 4.50
C ALA B 79 21.07 -16.25 3.13
N LYS B 80 22.05 -15.79 2.37
CA LYS B 80 22.25 -16.39 1.07
C LYS B 80 22.72 -17.80 1.35
N THR B 81 23.17 -18.07 2.57
CA THR B 81 23.72 -19.39 2.90
C THR B 81 22.79 -20.60 2.85
N TYR B 82 21.55 -20.46 3.25
CA TYR B 82 20.64 -21.60 3.29
C TYR B 82 20.16 -22.10 1.91
N PRO B 83 20.37 -23.41 1.53
CA PRO B 83 19.82 -23.77 0.21
C PRO B 83 18.33 -23.61 0.06
N LEU B 84 17.90 -22.95 -1.01
CA LEU B 84 16.47 -22.73 -1.25
C LEU B 84 15.70 -24.01 -1.49
N GLU B 85 16.29 -24.93 -2.23
CA GLU B 85 15.59 -26.16 -2.59
C GLU B 85 15.17 -27.03 -1.44
N GLU B 86 15.97 -27.08 -0.39
CA GLU B 86 15.67 -27.98 0.72
C GLU B 86 14.34 -27.75 1.41
N ILE B 87 13.93 -26.50 1.58
CA ILE B 87 12.70 -26.22 2.32
C ILE B 87 11.50 -26.82 1.61
N GLN B 88 10.57 -27.41 2.36
CA GLN B 88 9.44 -28.07 1.74
C GLN B 88 8.07 -27.56 2.15
N ASP B 89 7.97 -26.34 2.67
CA ASP B 89 6.69 -25.75 3.01
C ASP B 89 6.56 -24.47 2.31
N SER B 90 5.42 -24.24 1.71
CA SER B 90 5.30 -23.07 0.91
C SER B 90 5.47 -21.78 1.63
N THR B 91 4.86 -21.61 2.78
CA THR B 91 4.96 -20.30 3.37
C THR B 91 6.38 -19.97 3.76
N VAL B 92 7.11 -20.91 4.30
CA VAL B 92 8.43 -20.60 4.70
C VAL B 92 9.22 -20.25 3.49
N LYS B 93 9.02 -20.96 2.41
CA LYS B 93 9.80 -20.72 1.25
C LYS B 93 9.58 -19.35 0.75
N ARG B 94 8.35 -18.90 0.76
CA ARG B 94 8.11 -17.62 0.18
C ARG B 94 8.88 -16.59 0.95
N GLN B 95 8.90 -16.73 2.26
CA GLN B 95 9.60 -15.78 3.06
C GLN B 95 11.09 -15.80 2.80
N LEU B 96 11.70 -16.97 2.74
CA LEU B 96 13.13 -17.00 2.59
C LEU B 96 13.50 -16.37 1.31
N ARG B 97 12.69 -16.55 0.30
CA ARG B 97 13.09 -16.07 -1.00
C ARG B 97 13.22 -14.60 -0.97
N ALA B 98 12.32 -13.95 -0.31
CA ALA B 98 12.34 -12.53 -0.32
C ALA B 98 13.59 -11.96 0.31
N LEU B 99 14.02 -12.53 1.42
CA LEU B 99 15.21 -12.03 2.07
C LEU B 99 16.40 -12.26 1.20
N GLN B 100 16.37 -13.27 0.35
CA GLN B 100 17.51 -13.60 -0.45
C GLN B 100 17.57 -12.88 -1.77
N HIS B 101 16.75 -11.87 -2.00
CA HIS B 101 16.73 -11.25 -3.35
C HIS B 101 18.09 -10.87 -3.98
N SER B 102 19.07 -10.49 -3.17
CA SER B 102 20.43 -10.18 -3.67
C SER B 102 20.57 -9.11 -4.75
N GLY B 103 19.77 -8.06 -4.65
CA GLY B 103 19.88 -6.97 -5.61
C GLY B 103 21.05 -6.02 -5.45
N SER B 104 21.56 -5.48 -6.55
CA SER B 104 22.66 -4.49 -6.56
C SER B 104 24.02 -4.77 -5.90
N SER B 105 24.04 -5.47 -4.76
CA SER B 105 25.29 -5.66 -4.09
C SER B 105 26.24 -6.39 -4.94
N VAL B 106 25.75 -7.10 -5.93
CA VAL B 106 26.61 -7.94 -6.70
C VAL B 106 27.73 -7.18 -7.37
N LEU B 107 27.49 -5.98 -7.80
CA LEU B 107 28.51 -5.24 -8.52
C LEU B 107 29.67 -4.85 -7.64
N SER B 108 30.85 -4.72 -8.24
CA SER B 108 32.02 -4.28 -7.50
C SER B 108 31.81 -2.90 -6.94
N ALA B 109 32.54 -2.57 -5.89
CA ALA B 109 32.31 -1.29 -5.23
C ALA B 109 32.54 -0.10 -6.10
N ASP B 110 33.57 -0.13 -6.91
CA ASP B 110 33.86 1.02 -7.69
C ASP B 110 32.71 1.23 -8.62
N LYS B 111 32.23 0.15 -9.20
CA LYS B 111 31.15 0.29 -10.11
C LYS B 111 29.97 0.81 -9.38
N ASN B 112 29.74 0.35 -8.17
CA ASN B 112 28.55 0.75 -7.49
C ASN B 112 28.58 2.22 -7.30
N GLN B 113 29.73 2.73 -6.96
CA GLN B 113 29.81 4.14 -6.71
C GLN B 113 29.49 4.91 -7.98
N ARG B 114 29.98 4.46 -9.11
CA ARG B 114 29.76 5.20 -10.32
C ARG B 114 28.31 5.22 -10.58
N LEU B 115 27.64 4.10 -10.42
CA LEU B 115 26.24 4.07 -10.78
C LEU B 115 25.50 5.03 -9.92
N ASN B 116 25.83 5.09 -8.66
CA ASN B 116 25.05 5.96 -7.82
C ASN B 116 25.18 7.38 -8.29
N THR B 117 26.36 7.78 -8.70
CA THR B 117 26.53 9.14 -9.11
C THR B 117 25.67 9.42 -10.30
N ILE B 118 25.64 8.51 -11.26
CA ILE B 118 24.89 8.78 -12.47
C ILE B 118 23.45 8.90 -12.11
N LEU B 119 22.96 8.04 -11.25
CA LEU B 119 21.56 8.11 -11.00
C LEU B 119 21.21 9.44 -10.39
N ASN B 120 22.01 9.90 -9.45
CA ASN B 120 21.70 11.14 -8.79
C ASN B 120 21.73 12.30 -9.71
N SER B 121 22.70 12.32 -10.60
CA SER B 121 22.84 13.46 -11.46
C SER B 121 21.64 13.62 -12.31
N MET B 122 21.12 12.53 -12.80
CA MET B 122 19.98 12.61 -13.64
C MET B 122 18.79 13.20 -12.89
N SER B 123 18.54 12.80 -11.67
CA SER B 123 17.36 13.32 -11.02
C SER B 123 17.47 14.80 -10.86
N THR B 124 18.64 15.27 -10.53
CA THR B 124 18.83 16.69 -10.36
C THR B 124 18.56 17.45 -11.61
N ILE B 125 19.02 16.97 -12.75
CA ILE B 125 18.85 17.76 -13.94
C ILE B 125 17.39 17.93 -14.17
N TYR B 126 16.61 16.89 -13.97
CA TYR B 126 15.22 17.00 -14.28
C TYR B 126 14.58 18.06 -13.43
N SER B 127 14.86 18.06 -12.15
CA SER B 127 14.20 19.01 -11.28
C SER B 127 14.57 20.43 -11.50
N THR B 128 15.84 20.69 -11.74
CA THR B 128 16.29 22.05 -11.84
C THR B 128 16.31 22.64 -13.21
N GLY B 129 15.90 21.89 -14.19
CA GLY B 129 15.98 22.37 -15.55
C GLY B 129 15.13 23.53 -15.95
N LYS B 130 15.69 24.41 -16.76
CA LYS B 130 14.93 25.50 -17.31
C LYS B 130 14.86 25.75 -18.78
N ALA B 131 13.80 26.35 -19.27
CA ALA B 131 13.62 26.54 -20.70
C ALA B 131 13.19 27.96 -20.93
N CYS B 132 13.55 28.55 -22.06
CA CYS B 132 13.26 29.97 -22.27
C CYS B 132 12.53 30.39 -23.55
N ASN B 133 11.73 31.44 -23.47
CA ASN B 133 10.99 31.91 -24.62
C ASN B 133 11.95 32.36 -25.62
N PRO B 134 11.76 31.93 -26.85
CA PRO B 134 12.69 32.49 -27.80
C PRO B 134 12.46 33.96 -27.89
N SER B 135 11.20 34.36 -27.91
CA SER B 135 10.92 35.77 -28.12
C SER B 135 11.41 36.68 -27.00
N ASN B 136 11.20 36.30 -25.76
CA ASN B 136 11.72 37.14 -24.71
C ASN B 136 12.80 36.37 -24.03
N PRO B 137 14.02 36.88 -24.13
CA PRO B 137 15.15 36.16 -23.55
C PRO B 137 15.02 36.07 -22.07
N GLN B 138 14.52 37.11 -21.46
CA GLN B 138 14.45 37.15 -20.02
C GLN B 138 13.59 36.08 -19.42
N GLU B 139 12.48 35.79 -20.05
CA GLU B 139 11.59 34.85 -19.44
C GLU B 139 12.14 33.46 -19.53
N CYS B 140 12.34 32.81 -18.40
CA CYS B 140 12.76 31.42 -18.43
C CYS B 140 11.94 30.75 -17.38
N LEU B 141 11.41 29.58 -17.67
CA LEU B 141 10.53 28.97 -16.73
C LEU B 141 10.92 27.56 -16.37
N LEU B 142 10.77 27.20 -15.12
CA LEU B 142 11.04 25.84 -14.71
C LEU B 142 9.82 25.04 -15.02
N LEU B 143 9.88 23.71 -14.92
CA LEU B 143 8.75 22.87 -15.31
C LEU B 143 7.50 22.99 -14.46
N GLU B 144 7.64 22.63 -13.16
CA GLU B 144 6.44 22.58 -12.32
C GLU B 144 5.67 23.87 -12.24
N PRO B 145 6.34 24.94 -11.83
CA PRO B 145 5.52 26.14 -11.88
C PRO B 145 5.82 26.81 -13.20
N GLY B 146 4.87 26.77 -14.14
CA GLY B 146 5.09 27.50 -15.37
C GLY B 146 4.93 26.80 -16.69
N LEU B 147 5.95 26.04 -17.11
CA LEU B 147 5.88 25.38 -18.36
C LEU B 147 4.62 24.59 -18.36
N ASP B 148 4.29 24.01 -17.23
CA ASP B 148 3.14 23.17 -17.18
C ASP B 148 1.89 23.90 -17.50
N ASP B 149 1.76 25.11 -16.99
CA ASP B 149 0.53 25.82 -17.22
C ASP B 149 0.33 26.10 -18.68
N ILE B 150 1.38 26.47 -19.37
CA ILE B 150 1.20 26.83 -20.74
C ILE B 150 0.66 25.61 -21.41
N MET B 151 1.25 24.46 -21.13
CA MET B 151 0.82 23.27 -21.81
C MET B 151 -0.60 22.92 -21.45
N GLU B 152 -0.92 23.00 -20.19
CA GLU B 152 -2.26 22.63 -19.76
C GLU B 152 -3.38 23.52 -20.22
N ASN B 153 -3.19 24.83 -20.17
CA ASN B 153 -4.31 25.69 -20.48
C ASN B 153 -4.34 26.49 -21.74
N SER B 154 -3.22 26.74 -22.36
CA SER B 154 -3.22 27.62 -23.53
C SER B 154 -3.83 27.05 -24.77
N LYS B 155 -4.27 27.93 -25.65
CA LYS B 155 -4.85 27.49 -26.88
C LYS B 155 -4.18 28.13 -28.09
N ASP B 156 -2.93 28.50 -27.97
CA ASP B 156 -2.25 29.05 -29.14
C ASP B 156 -1.24 28.10 -29.71
N TYR B 157 -1.28 27.90 -31.01
CA TYR B 157 -0.39 26.93 -31.61
C TYR B 157 1.02 27.32 -31.41
N ASN B 158 1.35 28.56 -31.68
CA ASN B 158 2.74 28.95 -31.60
C ASN B 158 3.29 28.87 -30.22
N GLU B 159 2.52 29.28 -29.24
CA GLU B 159 3.02 29.28 -27.91
C GLU B 159 3.33 27.91 -27.48
N ARG B 160 2.44 26.99 -27.78
CA ARG B 160 2.65 25.68 -27.30
C ARG B 160 3.92 25.14 -27.89
N LEU B 161 4.21 25.45 -29.15
CA LEU B 161 5.38 24.87 -29.76
C LEU B 161 6.63 25.25 -29.07
N TRP B 162 6.74 26.50 -28.62
CA TRP B 162 7.98 26.95 -28.02
C TRP B 162 8.28 26.12 -26.80
N ALA B 163 7.24 25.78 -26.06
CA ALA B 163 7.48 25.01 -24.88
C ALA B 163 7.87 23.60 -25.17
N TRP B 164 7.23 22.94 -26.12
CA TRP B 164 7.52 21.54 -26.31
C TRP B 164 8.94 21.39 -26.70
N GLU B 165 9.38 22.20 -27.64
CA GLU B 165 10.70 22.03 -28.11
C GLU B 165 11.63 22.35 -27.02
N GLY B 166 11.32 23.36 -26.24
CA GLY B 166 12.27 23.76 -25.25
C GLY B 166 12.63 22.74 -24.20
N TRP B 167 11.66 22.03 -23.65
CA TRP B 167 11.98 21.13 -22.60
C TRP B 167 12.85 20.13 -23.23
N ARG B 168 12.49 19.68 -24.41
CA ARG B 168 13.26 18.65 -25.04
C ARG B 168 14.64 19.07 -25.39
N SER B 169 14.79 20.27 -25.89
CA SER B 169 16.08 20.73 -26.29
C SER B 169 17.06 20.92 -25.16
N GLU B 170 16.63 21.41 -24.02
CA GLU B 170 17.63 21.63 -22.99
C GLU B 170 17.80 20.55 -21.97
N VAL B 171 16.74 20.13 -21.32
CA VAL B 171 16.90 19.04 -20.43
C VAL B 171 17.27 17.78 -21.16
N GLY B 172 16.61 17.50 -22.26
CA GLY B 172 16.87 16.25 -22.93
C GLY B 172 18.24 16.02 -23.48
N LYS B 173 18.80 17.00 -24.13
CA LYS B 173 20.07 16.80 -24.76
C LYS B 173 21.12 16.53 -23.74
N GLN B 174 21.03 17.17 -22.60
CA GLN B 174 21.97 16.90 -21.55
C GLN B 174 21.87 15.49 -21.04
N LEU B 175 20.68 14.98 -20.91
CA LEU B 175 20.52 13.67 -20.37
C LEU B 175 21.06 12.54 -21.21
N ARG B 176 21.13 12.66 -22.52
CA ARG B 176 21.52 11.52 -23.33
C ARG B 176 22.86 10.88 -23.08
N PRO B 177 23.91 11.68 -22.90
CA PRO B 177 25.12 10.92 -22.64
C PRO B 177 25.02 10.07 -21.38
N LEU B 178 24.43 10.59 -20.35
CA LEU B 178 24.33 9.86 -19.14
C LEU B 178 23.50 8.63 -19.30
N TYR B 179 22.42 8.69 -20.04
CA TYR B 179 21.55 7.54 -20.12
C TYR B 179 22.28 6.41 -20.69
N GLU B 180 23.14 6.66 -21.63
CA GLU B 180 23.78 5.55 -22.28
C GLU B 180 24.57 4.73 -21.30
N GLU B 181 25.29 5.37 -20.41
CA GLU B 181 26.01 4.62 -19.40
C GLU B 181 25.12 3.83 -18.50
N TYR B 182 23.99 4.40 -18.13
CA TYR B 182 23.13 3.72 -17.20
C TYR B 182 22.70 2.44 -17.78
N VAL B 183 22.42 2.39 -19.07
CA VAL B 183 21.92 1.17 -19.63
C VAL B 183 22.94 0.13 -19.45
N ALA B 184 24.19 0.42 -19.74
CA ALA B 184 25.17 -0.62 -19.67
C ALA B 184 25.39 -1.18 -18.29
N LEU B 185 25.49 -0.32 -17.30
CA LEU B 185 25.79 -0.80 -16.00
C LEU B 185 24.69 -1.63 -15.47
N LYS B 186 23.47 -1.23 -15.68
CA LYS B 186 22.39 -1.97 -15.09
C LYS B 186 22.36 -3.33 -15.66
N ASN B 187 22.65 -3.43 -16.94
CA ASN B 187 22.59 -4.71 -17.58
C ASN B 187 23.58 -5.65 -16.95
N GLU B 188 24.76 -5.16 -16.61
CA GLU B 188 25.75 -6.00 -15.98
C GLU B 188 25.28 -6.54 -14.67
N MET B 189 24.60 -5.72 -13.91
CA MET B 189 24.17 -6.15 -12.63
C MET B 189 23.25 -7.29 -12.83
N ALA B 190 22.35 -7.16 -13.76
CA ALA B 190 21.38 -8.18 -13.93
C ALA B 190 21.99 -9.45 -14.36
N ARG B 191 22.98 -9.38 -15.22
CA ARG B 191 23.54 -10.60 -15.75
C ARG B 191 24.11 -11.41 -14.65
N ALA B 192 24.71 -10.76 -13.69
CA ALA B 192 25.27 -11.47 -12.57
C ALA B 192 24.23 -12.19 -11.75
N ASN B 193 23.05 -11.63 -11.62
CA ASN B 193 22.03 -12.26 -10.81
C ASN B 193 21.29 -13.31 -11.60
N ASN B 194 21.71 -13.59 -12.82
CA ASN B 194 21.15 -14.65 -13.69
C ASN B 194 19.94 -14.37 -14.51
N TYR B 195 19.42 -13.17 -14.47
CA TYR B 195 18.35 -12.84 -15.36
C TYR B 195 19.12 -12.47 -16.61
N GLU B 196 18.51 -12.59 -17.77
CA GLU B 196 19.18 -12.21 -19.01
C GLU B 196 19.53 -10.76 -19.25
N ASP B 197 18.65 -9.84 -18.91
CA ASP B 197 18.88 -8.44 -19.13
C ASP B 197 18.08 -7.70 -18.14
N TYR B 198 18.26 -6.40 -18.04
CA TYR B 198 17.56 -5.67 -17.02
C TYR B 198 16.08 -5.79 -17.21
N GLY B 199 15.64 -5.89 -18.43
CA GLY B 199 14.23 -5.97 -18.67
C GLY B 199 13.64 -7.16 -17.99
N ASP B 200 14.34 -8.27 -18.03
CA ASP B 200 13.83 -9.46 -17.42
C ASP B 200 13.67 -9.24 -15.97
N TYR B 201 14.58 -8.54 -15.35
CA TYR B 201 14.53 -8.37 -13.95
C TYR B 201 13.27 -7.69 -13.62
N TRP B 202 12.92 -6.69 -14.39
CA TRP B 202 11.73 -5.94 -14.10
C TRP B 202 10.49 -6.78 -14.24
N ARG B 203 10.44 -7.65 -15.23
CA ARG B 203 9.25 -8.44 -15.46
C ARG B 203 9.16 -9.51 -14.45
N GLY B 204 10.19 -9.68 -13.67
CA GLY B 204 10.22 -10.75 -12.70
C GLY B 204 9.17 -10.67 -11.65
N ASP B 205 8.65 -9.50 -11.41
CA ASP B 205 7.70 -9.35 -10.35
C ASP B 205 6.49 -10.21 -10.54
N TYR B 206 6.03 -10.33 -11.77
CA TYR B 206 4.82 -11.05 -11.97
C TYR B 206 5.05 -12.53 -12.12
N GLU B 207 6.05 -13.09 -11.49
CA GLU B 207 6.34 -14.49 -11.71
C GLU B 207 6.06 -15.34 -10.54
N GLU B 208 5.33 -16.42 -10.74
CA GLU B 208 4.97 -17.27 -9.65
C GLU B 208 5.21 -18.72 -9.91
N GLU B 209 5.64 -19.45 -8.90
CA GLU B 209 5.81 -20.88 -9.04
C GLU B 209 4.96 -21.54 -8.00
N TRP B 210 4.12 -22.48 -8.38
CA TRP B 210 3.20 -23.11 -7.47
C TRP B 210 2.86 -24.34 -8.17
N GLU B 211 2.05 -25.16 -7.56
CA GLU B 211 1.79 -26.44 -8.17
C GLU B 211 0.68 -26.66 -9.14
N ASN B 212 -0.55 -26.36 -8.77
CA ASN B 212 -1.63 -26.71 -9.67
C ASN B 212 -2.08 -25.70 -10.67
N GLY B 213 -1.31 -25.49 -11.70
CA GLY B 213 -1.75 -24.63 -12.75
C GLY B 213 -1.82 -23.21 -12.32
N TYR B 214 -1.09 -22.84 -11.30
CA TYR B 214 -1.07 -21.47 -10.95
C TYR B 214 0.20 -20.84 -11.36
N ASN B 215 1.03 -21.56 -12.11
CA ASN B 215 2.33 -21.03 -12.51
C ASN B 215 2.26 -19.98 -13.60
N TYR B 216 3.02 -18.91 -13.44
CA TYR B 216 3.04 -17.89 -14.46
C TYR B 216 4.48 -17.72 -14.74
N SER B 217 4.86 -17.45 -15.97
CA SER B 217 6.26 -17.38 -16.33
C SER B 217 6.61 -16.03 -16.83
N ARG B 218 7.86 -15.64 -16.74
CA ARG B 218 8.24 -14.29 -17.09
C ARG B 218 7.95 -13.97 -18.52
N ASN B 219 8.18 -14.91 -19.41
CA ASN B 219 7.92 -14.68 -20.80
C ASN B 219 6.49 -14.45 -21.13
N GLN B 220 5.57 -15.07 -20.42
CA GLN B 220 4.18 -14.96 -20.77
C GLN B 220 3.65 -13.57 -20.68
N LEU B 221 4.25 -12.70 -19.90
CA LEU B 221 3.68 -11.40 -19.76
C LEU B 221 3.69 -10.74 -21.08
N ILE B 222 4.74 -10.92 -21.85
CA ILE B 222 4.80 -10.20 -23.09
C ILE B 222 3.66 -10.59 -23.97
N ASP B 223 3.36 -11.86 -24.04
CA ASP B 223 2.31 -12.29 -24.90
C ASP B 223 0.98 -11.77 -24.47
N ASP B 224 0.71 -11.81 -23.19
CA ASP B 224 -0.59 -11.39 -22.74
C ASP B 224 -0.85 -9.94 -22.99
N VAL B 225 0.14 -9.09 -22.78
CA VAL B 225 -0.09 -7.69 -22.96
C VAL B 225 -0.41 -7.49 -24.40
N GLU B 226 0.28 -8.16 -25.28
CA GLU B 226 0.03 -7.97 -26.67
C GLU B 226 -1.36 -8.38 -27.05
N HIS B 227 -1.85 -9.49 -26.55
CA HIS B 227 -3.15 -9.94 -26.98
C HIS B 227 -4.20 -8.97 -26.59
N THR B 228 -4.11 -8.45 -25.38
CA THR B 228 -5.13 -7.55 -24.92
C THR B 228 -5.17 -6.31 -25.77
N PHE B 229 -4.04 -5.79 -26.18
CA PHE B 229 -4.05 -4.55 -26.91
C PHE B 229 -4.79 -4.71 -28.17
N THR B 230 -4.66 -5.83 -28.83
CA THR B 230 -5.30 -5.96 -30.09
C THR B 230 -6.77 -5.82 -29.94
N GLN B 231 -7.34 -6.34 -28.89
CA GLN B 231 -8.76 -6.14 -28.68
C GLN B 231 -9.19 -4.70 -28.45
N ILE B 232 -8.42 -3.90 -27.74
CA ILE B 232 -8.84 -2.54 -27.45
C ILE B 232 -8.74 -1.64 -28.62
N MET B 233 -8.07 -2.05 -29.66
CA MET B 233 -7.85 -1.17 -30.77
C MET B 233 -9.06 -0.61 -31.48
N PRO B 234 -10.10 -1.43 -31.68
CA PRO B 234 -11.20 -0.76 -32.36
C PRO B 234 -11.76 0.46 -31.62
N LEU B 235 -11.90 0.45 -30.32
CA LEU B 235 -12.42 1.63 -29.66
C LEU B 235 -11.51 2.80 -29.83
N TYR B 236 -10.22 2.60 -29.71
CA TYR B 236 -9.34 3.73 -29.75
C TYR B 236 -9.47 4.35 -31.07
N GLN B 237 -9.59 3.58 -32.12
CA GLN B 237 -9.60 4.20 -33.40
C GLN B 237 -10.75 5.13 -33.56
N HIS B 238 -11.92 4.74 -33.10
CA HIS B 238 -13.01 5.64 -33.20
C HIS B 238 -12.85 6.90 -32.38
N LEU B 239 -12.31 6.80 -31.19
CA LEU B 239 -12.15 7.96 -30.35
C LEU B 239 -11.21 8.89 -31.00
N HIS B 240 -10.18 8.37 -31.60
CA HIS B 240 -9.19 9.21 -32.20
C HIS B 240 -9.87 10.03 -33.22
N ALA B 241 -10.76 9.44 -33.99
CA ALA B 241 -11.38 10.19 -35.03
C ALA B 241 -12.22 11.32 -34.53
N TYR B 242 -12.96 11.10 -33.47
CA TYR B 242 -13.85 12.13 -33.00
C TYR B 242 -13.04 13.29 -32.58
N VAL B 243 -11.96 13.06 -31.88
CA VAL B 243 -11.20 14.15 -31.38
C VAL B 243 -10.70 14.91 -32.54
N ARG B 244 -10.28 14.21 -33.58
CA ARG B 244 -9.70 14.92 -34.69
C ARG B 244 -10.67 15.87 -35.28
N THR B 245 -11.91 15.47 -35.46
CA THR B 245 -12.82 16.38 -36.11
C THR B 245 -13.04 17.61 -35.28
N LYS B 246 -13.22 17.45 -33.99
CA LYS B 246 -13.45 18.59 -33.13
C LYS B 246 -12.27 19.53 -33.07
N LEU B 247 -11.08 18.99 -33.01
CA LEU B 247 -9.90 19.81 -32.90
C LEU B 247 -9.78 20.61 -34.13
N MET B 248 -10.24 20.08 -35.23
CA MET B 248 -10.05 20.76 -36.46
C MET B 248 -10.71 22.09 -36.38
N ASP B 249 -11.85 22.20 -35.73
CA ASP B 249 -12.41 23.51 -35.64
C ASP B 249 -11.53 24.51 -34.92
N THR B 250 -10.97 24.16 -33.77
CA THR B 250 -10.18 25.14 -33.04
C THR B 250 -8.87 25.61 -33.65
N TYR B 251 -8.08 24.71 -34.22
CA TYR B 251 -6.87 25.12 -34.86
C TYR B 251 -7.18 24.71 -36.23
N PRO B 252 -7.75 25.61 -37.00
CA PRO B 252 -8.17 25.15 -38.31
C PRO B 252 -7.15 24.77 -39.33
N SER B 253 -6.14 25.57 -39.52
CA SER B 253 -5.19 25.29 -40.58
C SER B 253 -4.35 24.08 -40.45
N TYR B 254 -3.81 23.86 -39.27
CA TYR B 254 -2.86 22.78 -39.09
C TYR B 254 -3.24 21.32 -39.20
N ILE B 255 -4.36 20.89 -38.65
CA ILE B 255 -4.67 19.49 -38.70
C ILE B 255 -5.15 19.07 -40.07
N SER B 256 -4.90 17.83 -40.46
CA SER B 256 -5.29 17.33 -41.77
C SER B 256 -6.24 16.21 -41.57
N PRO B 257 -7.22 16.08 -42.43
CA PRO B 257 -8.23 15.08 -42.13
C PRO B 257 -7.79 13.66 -42.01
N THR B 258 -7.00 13.16 -42.94
CA THR B 258 -6.47 11.82 -42.82
C THR B 258 -5.39 11.58 -41.80
N GLY B 259 -4.50 12.53 -41.63
CA GLY B 259 -3.36 12.34 -40.77
C GLY B 259 -3.40 12.34 -39.27
N CYS B 260 -2.31 11.95 -38.66
CA CYS B 260 -2.23 11.91 -37.23
C CYS B 260 -2.22 13.26 -36.54
N LEU B 261 -2.61 13.29 -35.29
CA LEU B 261 -2.67 14.54 -34.56
C LEU B 261 -1.31 15.06 -34.27
N PRO B 262 -1.09 16.35 -34.45
CA PRO B 262 0.22 16.84 -34.07
C PRO B 262 0.40 16.76 -32.59
N ALA B 263 1.58 16.44 -32.11
CA ALA B 263 1.82 16.22 -30.69
C ALA B 263 1.69 17.32 -29.68
N HIS B 264 2.11 18.51 -30.02
CA HIS B 264 2.10 19.57 -29.06
C HIS B 264 0.71 19.95 -28.63
N LEU B 265 -0.28 19.63 -29.43
CA LEU B 265 -1.63 20.04 -29.15
C LEU B 265 -2.45 19.11 -28.29
N LEU B 266 -1.87 18.10 -27.71
CA LEU B 266 -2.67 17.10 -26.99
C LEU B 266 -2.97 17.24 -25.54
N GLY B 267 -2.64 18.34 -24.91
CA GLY B 267 -3.02 18.51 -23.52
C GLY B 267 -2.09 18.36 -22.34
N ASP B 268 -0.88 17.85 -22.51
CA ASP B 268 0.11 17.82 -21.44
C ASP B 268 1.45 17.73 -22.12
N MET B 269 2.54 17.93 -21.42
CA MET B 269 3.82 17.98 -22.10
C MET B 269 4.13 16.68 -22.78
N TRP B 270 3.86 15.57 -22.13
CA TRP B 270 4.24 14.32 -22.73
C TRP B 270 3.12 13.57 -23.41
N GLY B 271 1.90 14.02 -23.30
CA GLY B 271 0.80 13.28 -23.86
C GLY B 271 0.16 12.14 -23.11
N ARG B 272 0.46 11.96 -21.84
CA ARG B 272 -0.05 10.81 -21.14
C ARG B 272 -1.54 10.70 -20.99
N PHE B 273 -2.23 11.78 -20.66
CA PHE B 273 -3.65 11.69 -20.42
C PHE B 273 -4.29 12.74 -21.26
N TRP B 274 -5.47 12.49 -21.76
CA TRP B 274 -6.06 13.44 -22.66
C TRP B 274 -7.14 14.22 -21.98
N THR B 275 -7.21 14.20 -20.66
CA THR B 275 -8.32 14.82 -19.95
C THR B 275 -8.52 16.28 -20.16
N ASN B 276 -7.46 17.02 -20.40
CA ASN B 276 -7.56 18.44 -20.53
C ASN B 276 -8.26 18.89 -21.76
N LEU B 277 -8.56 17.98 -22.64
CA LEU B 277 -9.21 18.33 -23.86
C LEU B 277 -10.72 18.37 -23.71
N TYR B 278 -11.25 18.16 -22.53
CA TYR B 278 -12.69 18.13 -22.39
C TYR B 278 -13.39 19.38 -22.80
N PRO B 279 -12.86 20.56 -22.46
CA PRO B 279 -13.64 21.69 -22.90
C PRO B 279 -13.88 21.77 -24.36
N LEU B 280 -12.87 21.49 -25.15
CA LEU B 280 -13.01 21.53 -26.57
C LEU B 280 -13.97 20.52 -27.13
N THR B 281 -14.01 19.33 -26.54
CA THR B 281 -14.80 18.27 -27.12
C THR B 281 -16.13 17.85 -26.53
N VAL B 282 -16.77 18.64 -25.69
CA VAL B 282 -17.98 18.16 -25.05
C VAL B 282 -19.04 17.77 -26.01
N PRO B 283 -19.60 16.59 -25.82
CA PRO B 283 -20.56 16.17 -26.81
C PRO B 283 -21.83 16.96 -26.89
N PHE B 284 -22.48 17.20 -25.76
CA PHE B 284 -23.72 17.93 -25.75
C PHE B 284 -23.44 19.04 -24.81
N GLY B 285 -23.13 20.21 -25.32
CA GLY B 285 -22.72 21.31 -24.47
C GLY B 285 -23.60 21.97 -23.45
N GLN B 286 -24.86 22.21 -23.77
CA GLN B 286 -25.71 22.95 -22.85
C GLN B 286 -26.00 22.34 -21.50
N LYS B 287 -26.32 21.06 -21.46
CA LYS B 287 -26.66 20.47 -20.20
C LYS B 287 -25.41 20.45 -19.38
N PRO B 288 -25.51 20.78 -18.09
CA PRO B 288 -24.31 20.87 -17.27
C PRO B 288 -23.96 19.65 -16.45
N ASN B 289 -22.71 19.52 -16.06
CA ASN B 289 -22.28 18.38 -15.26
C ASN B 289 -22.74 18.46 -13.83
N ILE B 290 -22.82 17.31 -13.17
CA ILE B 290 -23.32 17.30 -11.82
C ILE B 290 -22.22 17.64 -10.87
N ASP B 291 -22.37 18.74 -10.13
CA ASP B 291 -21.39 19.12 -9.13
C ASP B 291 -22.12 19.45 -7.86
N VAL B 292 -21.67 18.90 -6.74
CA VAL B 292 -22.38 19.13 -5.52
C VAL B 292 -21.69 20.09 -4.61
N THR B 293 -20.67 20.79 -5.08
CA THR B 293 -19.90 21.62 -4.18
C THR B 293 -20.72 22.68 -3.50
N ASN B 294 -21.58 23.32 -4.24
CA ASN B 294 -22.34 24.41 -3.67
C ASN B 294 -23.21 23.93 -2.55
N ALA B 295 -23.81 22.77 -2.74
CA ALA B 295 -24.71 22.27 -1.74
C ALA B 295 -24.01 22.00 -0.45
N MET B 296 -22.79 21.50 -0.56
CA MET B 296 -22.09 21.14 0.64
C MET B 296 -21.90 22.37 1.49
N VAL B 297 -21.58 23.50 0.87
CA VAL B 297 -21.39 24.70 1.63
C VAL B 297 -22.67 25.08 2.31
N ASN B 298 -23.79 24.94 1.62
CA ASN B 298 -25.08 25.33 2.18
C ASN B 298 -25.42 24.55 3.42
N GLN B 299 -25.05 23.28 3.44
CA GLN B 299 -25.38 22.44 4.57
C GLN B 299 -24.28 22.44 5.59
N SER B 300 -23.27 23.28 5.40
CA SER B 300 -22.18 23.44 6.36
C SER B 300 -21.38 22.23 6.74
N TRP B 301 -21.03 21.44 5.77
CA TRP B 301 -20.18 20.32 6.05
C TRP B 301 -18.78 20.82 6.36
N ASP B 302 -18.01 20.06 7.11
CA ASP B 302 -16.66 20.44 7.49
C ASP B 302 -15.75 19.29 7.20
N ALA B 303 -14.44 19.46 7.36
CA ALA B 303 -13.52 18.41 6.97
C ALA B 303 -13.71 17.09 7.58
N ARG B 304 -13.95 17.08 8.87
CA ARG B 304 -14.17 15.84 9.53
C ARG B 304 -15.47 15.23 9.05
N LYS B 305 -16.42 16.07 8.69
CA LYS B 305 -17.68 15.54 8.27
C LYS B 305 -17.38 14.75 7.03
N ILE B 306 -16.53 15.25 6.14
CA ILE B 306 -16.33 14.54 4.91
C ILE B 306 -15.78 13.18 5.23
N PHE B 307 -14.82 13.13 6.11
CA PHE B 307 -14.25 11.87 6.44
C PHE B 307 -15.24 10.98 7.11
N LYS B 308 -16.07 11.53 7.96
CA LYS B 308 -17.00 10.72 8.66
C LYS B 308 -17.97 10.04 7.72
N GLU B 309 -18.41 10.73 6.70
CA GLU B 309 -19.35 10.14 5.77
C GLU B 309 -18.76 8.97 5.05
N ALA B 310 -17.49 9.07 4.71
CA ALA B 310 -16.86 8.00 3.99
C ALA B 310 -16.87 6.77 4.81
N GLU B 311 -16.64 6.91 6.08
CA GLU B 311 -16.56 5.77 6.91
C GLU B 311 -17.85 5.05 6.83
N LYS B 312 -18.95 5.77 6.79
CA LYS B 312 -20.21 5.08 6.79
C LYS B 312 -20.37 4.19 5.57
N PHE B 313 -19.89 4.63 4.42
CA PHE B 313 -20.03 3.81 3.24
C PHE B 313 -19.32 2.53 3.46
N PHE B 314 -18.12 2.58 3.96
CA PHE B 314 -17.37 1.38 4.09
C PHE B 314 -18.07 0.46 5.05
N VAL B 315 -18.63 1.01 6.10
CA VAL B 315 -19.26 0.16 7.07
C VAL B 315 -20.43 -0.55 6.44
N SER B 316 -21.15 0.14 5.59
CA SER B 316 -22.32 -0.48 5.01
C SER B 316 -21.98 -1.68 4.18
N VAL B 317 -20.90 -1.64 3.44
CA VAL B 317 -20.51 -2.80 2.67
C VAL B 317 -20.12 -3.97 3.55
N GLY B 318 -19.58 -3.73 4.72
CA GLY B 318 -19.23 -4.79 5.64
C GLY B 318 -17.86 -4.77 6.24
N LEU B 319 -16.98 -3.91 5.75
CA LEU B 319 -15.65 -3.80 6.28
C LEU B 319 -15.65 -3.05 7.60
N PRO B 320 -14.62 -3.20 8.46
CA PRO B 320 -14.60 -2.58 9.80
C PRO B 320 -14.41 -1.08 9.97
N ASN B 321 -14.91 -0.51 11.08
CA ASN B 321 -14.72 0.92 11.33
C ASN B 321 -13.34 1.34 11.77
N MET B 322 -12.98 2.58 11.53
CA MET B 322 -11.64 3.03 11.80
C MET B 322 -11.31 3.12 13.26
N THR B 323 -10.05 2.95 13.61
CA THR B 323 -9.63 2.94 15.00
C THR B 323 -9.58 4.26 15.66
N GLN B 324 -9.48 4.26 16.97
CA GLN B 324 -9.46 5.49 17.72
C GLN B 324 -8.28 6.33 17.36
N GLY B 325 -7.15 5.69 17.14
CA GLY B 325 -5.95 6.42 16.86
C GLY B 325 -6.08 7.23 15.62
N PHE B 326 -6.76 6.71 14.62
CA PHE B 326 -6.80 7.40 13.37
C PHE B 326 -7.41 8.72 13.61
N TRP B 327 -8.47 8.76 14.39
CA TRP B 327 -9.11 10.03 14.56
C TRP B 327 -8.24 11.01 15.29
N GLU B 328 -7.59 10.58 16.33
CA GLU B 328 -6.72 11.46 17.08
C GLU B 328 -5.44 11.96 16.49
N ASN B 329 -4.67 11.09 15.84
CA ASN B 329 -3.37 11.50 15.38
C ASN B 329 -3.23 11.96 13.96
N SER B 330 -4.22 11.69 13.14
CA SER B 330 -4.05 12.04 11.75
C SER B 330 -4.21 13.49 11.56
N MET B 331 -3.62 14.02 10.50
CA MET B 331 -3.75 15.44 10.19
C MET B 331 -4.71 15.58 9.07
N LEU B 332 -5.98 15.71 9.38
CA LEU B 332 -6.96 15.76 8.34
C LEU B 332 -7.17 17.12 7.78
N THR B 333 -6.65 18.14 8.41
CA THR B 333 -6.91 19.49 7.94
C THR B 333 -5.61 20.20 7.67
N GLU B 334 -5.62 21.21 6.80
CA GLU B 334 -4.42 21.98 6.55
C GLU B 334 -4.03 22.59 7.86
N PRO B 335 -2.75 22.46 8.21
CA PRO B 335 -2.32 22.98 9.49
C PRO B 335 -2.47 24.46 9.56
N SER B 336 -3.01 24.95 10.66
CA SER B 336 -3.09 26.38 10.85
C SER B 336 -1.81 26.83 11.50
N ASP B 337 -1.68 28.13 11.71
CA ASP B 337 -0.51 28.67 12.43
C ASP B 337 0.85 28.47 11.83
N SER B 338 1.80 28.07 12.66
CA SER B 338 3.19 28.01 12.19
C SER B 338 3.74 26.92 11.29
N ARG B 339 3.48 25.65 11.56
CA ARG B 339 4.16 24.62 10.78
C ARG B 339 4.01 24.64 9.27
N LYS B 340 4.98 24.07 8.57
CA LYS B 340 4.92 24.00 7.12
C LYS B 340 4.66 22.56 6.72
N VAL B 341 3.71 22.33 5.81
CA VAL B 341 3.31 20.94 5.48
C VAL B 341 3.43 20.49 4.01
N VAL B 342 3.92 19.27 3.79
CA VAL B 342 3.96 18.73 2.44
C VAL B 342 2.54 18.45 2.03
N CYS B 343 2.15 18.82 0.82
CA CYS B 343 0.73 18.72 0.46
C CYS B 343 0.10 17.48 -0.19
N HIS B 344 0.86 16.49 -0.63
CA HIS B 344 0.23 15.36 -1.34
C HIS B 344 -0.72 14.56 -0.48
N PRO B 345 -1.87 14.15 -1.04
CA PRO B 345 -2.75 13.30 -0.24
C PRO B 345 -2.18 11.91 -0.08
N THR B 346 -1.83 11.49 1.14
CA THR B 346 -1.16 10.22 1.36
C THR B 346 -1.73 9.36 2.49
N ALA B 347 -1.55 8.04 2.42
CA ALA B 347 -2.02 7.15 3.47
C ALA B 347 -0.87 6.43 4.06
N TRP B 348 -0.77 6.38 5.37
CA TRP B 348 0.40 5.81 5.98
C TRP B 348 0.17 4.67 6.88
N ASP B 349 0.95 3.62 6.74
CA ASP B 349 0.87 2.54 7.69
C ASP B 349 2.20 2.56 8.37
N LEU B 350 2.25 3.14 9.54
CA LEU B 350 3.49 3.24 10.27
C LEU B 350 3.96 1.90 10.71
N GLY B 351 3.04 1.05 11.13
CA GLY B 351 3.42 -0.24 11.63
C GLY B 351 2.99 -0.53 13.03
N LYS B 352 3.11 -1.74 13.52
CA LYS B 352 2.68 -2.09 14.89
C LYS B 352 1.34 -1.52 15.30
N GLY B 353 0.40 -1.42 14.37
CA GLY B 353 -0.92 -0.95 14.70
C GLY B 353 -1.33 0.47 14.41
N ASP B 354 -0.41 1.32 13.97
CA ASP B 354 -0.75 2.71 13.78
C ASP B 354 -1.08 3.00 12.36
N PHE B 355 -2.25 3.55 12.12
CA PHE B 355 -2.64 3.89 10.78
C PHE B 355 -3.03 5.34 10.77
N ARG B 356 -2.52 6.13 9.84
CA ARG B 356 -2.79 7.56 9.80
C ARG B 356 -2.95 8.07 8.37
N ILE B 357 -3.75 9.11 8.14
CA ILE B 357 -3.92 9.69 6.81
C ILE B 357 -3.55 11.14 6.89
N LYS B 358 -2.76 11.64 5.94
CA LYS B 358 -2.44 13.05 5.92
C LYS B 358 -2.89 13.74 4.69
N MET B 359 -3.78 14.71 4.80
CA MET B 359 -4.19 15.48 3.66
C MET B 359 -4.77 16.77 4.13
N CYS B 360 -4.86 17.73 3.23
CA CYS B 360 -5.48 18.99 3.58
C CYS B 360 -6.81 19.01 2.85
N THR B 361 -7.91 19.18 3.56
CA THR B 361 -9.20 19.07 2.92
C THR B 361 -9.94 20.36 2.80
N LYS B 362 -10.48 20.64 1.62
CA LYS B 362 -11.25 21.84 1.41
C LYS B 362 -12.58 21.29 1.00
N VAL B 363 -13.67 22.01 1.19
CA VAL B 363 -14.95 21.44 0.90
C VAL B 363 -15.22 21.57 -0.56
N THR B 364 -14.84 20.56 -1.32
CA THR B 364 -15.04 20.56 -2.74
C THR B 364 -15.45 19.15 -3.10
N MET B 365 -16.11 18.97 -4.23
CA MET B 365 -16.59 17.65 -4.58
C MET B 365 -15.42 16.74 -4.77
N ASP B 366 -14.35 17.23 -5.34
CA ASP B 366 -13.26 16.35 -5.63
C ASP B 366 -12.71 15.72 -4.37
N ASP B 367 -12.64 16.47 -3.29
CA ASP B 367 -12.20 15.91 -2.03
C ASP B 367 -13.08 14.80 -1.51
N PHE B 368 -14.38 14.88 -1.73
CA PHE B 368 -15.22 13.81 -1.29
C PHE B 368 -14.75 12.58 -1.98
N LEU B 369 -14.51 12.68 -3.27
CA LEU B 369 -14.10 11.53 -3.98
C LEU B 369 -12.73 11.04 -3.57
N THR B 370 -11.80 11.94 -3.36
CA THR B 370 -10.44 11.55 -3.00
C THR B 370 -10.40 10.84 -1.69
N ALA B 371 -11.21 11.27 -0.75
CA ALA B 371 -11.19 10.68 0.55
C ALA B 371 -11.52 9.26 0.41
N HIS B 372 -12.49 8.93 -0.41
CA HIS B 372 -12.86 7.57 -0.49
C HIS B 372 -11.67 6.76 -1.00
N HIS B 373 -10.91 7.25 -1.96
CA HIS B 373 -9.82 6.47 -2.47
C HIS B 373 -8.83 6.20 -1.39
N GLU B 374 -8.46 7.20 -0.63
CA GLU B 374 -7.42 7.01 0.36
C GLU B 374 -7.80 6.08 1.46
N MET B 375 -9.02 6.16 1.93
CA MET B 375 -9.43 5.32 3.02
C MET B 375 -9.35 3.92 2.56
N GLY B 376 -9.58 3.69 1.29
CA GLY B 376 -9.51 2.36 0.78
C GLY B 376 -8.15 1.74 0.94
N HIS B 377 -7.12 2.51 0.73
CA HIS B 377 -5.80 1.98 0.89
C HIS B 377 -5.65 1.52 2.34
N ILE B 378 -6.12 2.29 3.32
CA ILE B 378 -5.98 1.92 4.71
C ILE B 378 -6.73 0.65 4.98
N GLN B 379 -7.90 0.47 4.43
CA GLN B 379 -8.64 -0.72 4.77
C GLN B 379 -7.92 -1.98 4.36
N TYR B 380 -7.25 -1.96 3.22
CA TYR B 380 -6.51 -3.12 2.80
C TYR B 380 -5.46 -3.38 3.81
N ASP B 381 -4.78 -2.35 4.26
CA ASP B 381 -3.68 -2.58 5.15
C ASP B 381 -4.08 -3.18 6.43
N MET B 382 -5.22 -2.80 6.95
CA MET B 382 -5.63 -3.29 8.20
C MET B 382 -5.82 -4.75 8.06
N ALA B 383 -6.37 -5.18 6.95
CA ALA B 383 -6.65 -6.57 6.78
C ALA B 383 -5.48 -7.51 6.75
N TYR B 384 -4.37 -7.12 6.16
CA TYR B 384 -3.30 -8.07 6.02
C TYR B 384 -2.37 -8.10 7.17
N ALA B 385 -2.75 -7.48 8.27
CA ALA B 385 -1.89 -7.39 9.41
C ALA B 385 -1.48 -8.68 10.03
N ALA B 386 -2.35 -9.65 10.07
CA ALA B 386 -2.03 -10.91 10.73
C ALA B 386 -0.89 -11.67 10.12
N GLN B 387 -0.70 -11.57 8.82
CA GLN B 387 0.32 -12.33 8.15
C GLN B 387 1.69 -11.92 8.62
N PRO B 388 2.69 -12.78 8.46
CA PRO B 388 4.02 -12.47 8.97
C PRO B 388 4.66 -11.28 8.34
N PHE B 389 5.68 -10.70 8.95
CA PHE B 389 6.22 -9.45 8.46
C PHE B 389 6.67 -9.43 7.03
N LEU B 390 7.39 -10.42 6.59
CA LEU B 390 7.89 -10.33 5.24
C LEU B 390 6.76 -10.39 4.23
N LEU B 391 5.69 -11.08 4.55
CA LEU B 391 4.61 -11.27 3.61
C LEU B 391 3.53 -10.20 3.61
N ARG B 392 3.67 -9.14 4.36
CA ARG B 392 2.63 -8.14 4.46
C ARG B 392 2.66 -7.11 3.39
N ASN B 393 2.13 -7.41 2.23
CA ASN B 393 2.06 -6.46 1.13
C ASN B 393 1.04 -6.95 0.15
N GLY B 394 0.70 -6.16 -0.85
CA GLY B 394 -0.26 -6.55 -1.86
C GLY B 394 0.20 -7.65 -2.78
N ALA B 395 -0.69 -8.40 -3.38
CA ALA B 395 -0.26 -9.56 -4.16
C ALA B 395 0.61 -9.31 -5.35
N ASN B 396 0.34 -8.31 -6.14
CA ASN B 396 1.21 -7.97 -7.23
C ASN B 396 1.11 -6.51 -7.16
N GLU B 397 1.98 -5.79 -7.83
CA GLU B 397 1.99 -4.36 -7.65
C GLU B 397 0.68 -3.72 -7.98
N GLY B 398 0.03 -4.19 -9.01
CA GLY B 398 -1.21 -3.60 -9.44
C GLY B 398 -2.34 -3.62 -8.48
N PHE B 399 -2.46 -4.66 -7.69
CA PHE B 399 -3.64 -4.79 -6.88
C PHE B 399 -3.91 -3.69 -5.93
N HIS B 400 -2.91 -3.11 -5.31
CA HIS B 400 -3.22 -2.12 -4.29
C HIS B 400 -3.98 -0.93 -4.81
N GLU B 401 -3.54 -0.37 -5.92
CA GLU B 401 -4.21 0.81 -6.43
C GLU B 401 -5.60 0.47 -6.85
N ALA B 402 -5.79 -0.67 -7.48
CA ALA B 402 -7.09 -1.03 -7.97
C ALA B 402 -8.12 -1.09 -6.93
N VAL B 403 -7.79 -1.58 -5.75
CA VAL B 403 -8.81 -1.75 -4.75
C VAL B 403 -9.35 -0.41 -4.47
N GLY B 404 -8.49 0.56 -4.37
CA GLY B 404 -8.96 1.87 -4.05
C GLY B 404 -9.88 2.46 -5.07
N GLU B 405 -9.56 2.32 -6.33
CA GLU B 405 -10.36 2.95 -7.35
C GLU B 405 -11.75 2.42 -7.40
N ILE B 406 -11.95 1.16 -7.13
CA ILE B 406 -13.26 0.59 -7.28
C ILE B 406 -14.17 1.37 -6.40
N MET B 407 -13.72 1.70 -5.21
CA MET B 407 -14.58 2.38 -4.28
C MET B 407 -15.04 3.71 -4.80
N SER B 408 -14.16 4.46 -5.41
CA SER B 408 -14.54 5.78 -5.86
C SER B 408 -15.61 5.75 -6.88
N LEU B 409 -15.59 4.79 -7.78
CA LEU B 409 -16.54 4.80 -8.85
C LEU B 409 -17.92 4.70 -8.27
N SER B 410 -18.10 3.88 -7.27
CA SER B 410 -19.42 3.70 -6.73
C SER B 410 -19.95 4.94 -6.12
N ALA B 411 -19.11 5.70 -5.45
CA ALA B 411 -19.56 6.89 -4.78
C ALA B 411 -20.10 7.95 -5.68
N ALA B 412 -19.52 8.14 -6.85
CA ALA B 412 -19.92 9.21 -7.74
C ALA B 412 -21.26 9.05 -8.42
N THR B 413 -21.83 7.88 -8.37
CA THR B 413 -23.05 7.63 -9.07
C THR B 413 -24.16 8.49 -8.62
N PRO B 414 -25.06 8.81 -9.53
CA PRO B 414 -26.12 9.71 -9.16
C PRO B 414 -26.87 9.17 -7.99
N ASN B 415 -27.12 7.89 -7.96
CA ASN B 415 -27.91 7.38 -6.89
C ASN B 415 -27.31 7.61 -5.53
N HIS B 416 -26.03 7.41 -5.37
CA HIS B 416 -25.46 7.52 -4.03
C HIS B 416 -25.63 8.90 -3.55
N LEU B 417 -25.39 9.86 -4.39
CA LEU B 417 -25.42 11.21 -3.95
C LEU B 417 -26.79 11.58 -3.47
N LYS B 418 -27.83 11.06 -4.08
CA LYS B 418 -29.14 11.34 -3.57
C LYS B 418 -29.38 10.84 -2.18
N ASN B 419 -28.93 9.64 -1.87
CA ASN B 419 -29.17 9.09 -0.55
C ASN B 419 -28.50 9.86 0.53
N ILE B 420 -27.28 10.29 0.29
CA ILE B 420 -26.54 11.07 1.28
C ILE B 420 -27.32 12.33 1.52
N GLY B 421 -27.92 12.87 0.49
CA GLY B 421 -28.69 14.09 0.63
C GLY B 421 -28.07 15.30 -0.01
N LEU B 422 -26.90 15.16 -0.58
CA LEU B 422 -26.31 16.26 -1.27
C LEU B 422 -27.12 16.71 -2.46
N LEU B 423 -27.65 15.78 -3.25
CA LEU B 423 -28.41 16.13 -4.45
C LEU B 423 -29.84 16.39 -4.11
N PRO B 424 -30.51 17.21 -4.92
CA PRO B 424 -31.92 17.39 -4.67
C PRO B 424 -32.66 16.12 -4.89
N PRO B 425 -33.78 15.94 -4.21
CA PRO B 425 -34.50 14.67 -4.29
C PRO B 425 -35.01 14.23 -5.63
N SER B 426 -35.46 15.15 -6.46
CA SER B 426 -36.07 14.76 -7.72
C SER B 426 -35.22 14.72 -9.00
N PHE B 427 -33.91 14.90 -8.90
CA PHE B 427 -33.09 14.95 -10.08
C PHE B 427 -33.23 13.67 -10.83
N PHE B 428 -33.42 13.76 -12.14
CA PHE B 428 -33.50 12.58 -12.94
C PHE B 428 -32.53 12.85 -14.07
N GLU B 429 -31.61 11.94 -14.29
CA GLU B 429 -30.61 12.13 -15.33
C GLU B 429 -31.15 11.82 -16.69
N ASP B 430 -30.50 12.32 -17.71
CA ASP B 430 -30.99 12.12 -19.06
C ASP B 430 -29.94 11.51 -19.90
N SER B 431 -30.31 11.11 -21.09
CA SER B 431 -29.38 10.41 -21.92
C SER B 431 -28.21 11.29 -22.19
N GLU B 432 -28.45 12.55 -22.42
CA GLU B 432 -27.37 13.39 -22.78
C GLU B 432 -26.37 13.44 -21.68
N THR B 433 -26.81 13.52 -20.44
CA THR B 433 -25.85 13.62 -19.39
C THR B 433 -25.02 12.38 -19.32
N GLU B 434 -25.64 11.24 -19.55
CA GLU B 434 -24.90 10.01 -19.43
C GLU B 434 -23.78 9.96 -20.42
N ILE B 435 -24.03 10.34 -21.65
CA ILE B 435 -23.01 10.27 -22.65
C ILE B 435 -21.91 11.21 -22.23
N ASN B 436 -22.26 12.36 -21.71
CA ASN B 436 -21.24 13.30 -21.38
C ASN B 436 -20.34 12.70 -20.33
N PHE B 437 -20.91 12.01 -19.37
CA PHE B 437 -20.11 11.44 -18.33
C PHE B 437 -19.17 10.44 -18.89
N LEU B 438 -19.65 9.58 -19.76
CA LEU B 438 -18.80 8.51 -20.23
C LEU B 438 -17.61 9.04 -20.97
N LEU B 439 -17.79 10.07 -21.77
CA LEU B 439 -16.70 10.55 -22.57
C LEU B 439 -15.63 11.03 -21.69
N LYS B 440 -16.00 11.69 -20.62
CA LYS B 440 -14.99 12.28 -19.81
C LYS B 440 -14.17 11.16 -19.28
N GLN B 441 -14.79 10.09 -18.87
CA GLN B 441 -14.04 9.02 -18.28
C GLN B 441 -13.10 8.42 -19.28
N ALA B 442 -13.55 8.27 -20.49
CA ALA B 442 -12.73 7.64 -21.49
C ALA B 442 -11.48 8.36 -21.82
N LEU B 443 -11.53 9.67 -21.86
CA LEU B 443 -10.37 10.38 -22.28
C LEU B 443 -9.32 10.04 -21.30
N THR B 444 -9.62 9.95 -20.03
CA THR B 444 -8.63 9.48 -19.08
C THR B 444 -8.21 8.04 -19.14
N ILE B 445 -9.14 7.11 -19.31
CA ILE B 445 -8.77 5.71 -19.26
C ILE B 445 -8.35 5.10 -20.58
N VAL B 446 -9.12 5.23 -21.63
CA VAL B 446 -8.68 4.70 -22.89
C VAL B 446 -7.47 5.41 -23.40
N GLY B 447 -7.39 6.70 -23.23
CA GLY B 447 -6.28 7.43 -23.80
C GLY B 447 -4.94 7.02 -23.28
N THR B 448 -4.83 6.73 -22.02
CA THR B 448 -3.58 6.29 -21.47
C THR B 448 -3.08 4.96 -21.94
N LEU B 449 -3.95 4.03 -22.25
CA LEU B 449 -3.46 2.71 -22.57
C LEU B 449 -2.53 2.59 -23.74
N PRO B 450 -2.83 3.24 -24.86
CA PRO B 450 -1.83 3.08 -25.89
C PRO B 450 -0.47 3.65 -25.53
N PHE B 451 -0.39 4.77 -24.86
CA PHE B 451 0.88 5.36 -24.56
C PHE B 451 1.67 4.45 -23.69
N THR B 452 1.06 3.84 -22.70
CA THR B 452 1.82 3.04 -21.79
C THR B 452 2.46 1.91 -22.52
N TYR B 453 1.75 1.27 -23.41
CA TYR B 453 2.29 0.12 -24.06
C TYR B 453 3.50 0.51 -24.83
N MET B 454 3.45 1.61 -25.53
CA MET B 454 4.57 1.94 -26.34
C MET B 454 5.80 2.20 -25.55
N LEU B 455 5.69 2.93 -24.47
CA LEU B 455 6.91 3.27 -23.77
C LEU B 455 7.55 2.04 -23.28
N GLU B 456 6.78 1.15 -22.70
CA GLU B 456 7.43 0.01 -22.15
C GLU B 456 8.07 -0.83 -23.22
N LYS B 457 7.47 -0.98 -24.37
CA LYS B 457 8.09 -1.76 -25.38
C LYS B 457 9.41 -1.18 -25.80
N TRP B 458 9.54 0.13 -25.94
CA TRP B 458 10.78 0.66 -26.40
C TRP B 458 11.79 0.31 -25.40
N ARG B 459 11.49 0.48 -24.15
CA ARG B 459 12.51 0.26 -23.18
C ARG B 459 12.96 -1.16 -23.17
N TRP B 460 12.04 -2.11 -23.25
CA TRP B 460 12.43 -3.48 -23.13
C TRP B 460 13.34 -3.83 -24.25
N MET B 461 13.04 -3.35 -25.44
CA MET B 461 13.91 -3.60 -26.54
C MET B 461 15.26 -2.99 -26.41
N VAL B 462 15.36 -1.78 -25.90
CA VAL B 462 16.64 -1.14 -25.85
C VAL B 462 17.54 -1.95 -24.99
N PHE B 463 17.02 -2.40 -23.88
CA PHE B 463 17.85 -3.14 -22.98
C PHE B 463 18.32 -4.41 -23.60
N LYS B 464 17.46 -5.11 -24.31
CA LYS B 464 17.81 -6.41 -24.89
C LYS B 464 18.88 -6.32 -25.89
N GLY B 465 18.90 -5.25 -26.65
CA GLY B 465 19.89 -5.08 -27.66
C GLY B 465 19.40 -5.11 -29.07
N GLU B 466 18.10 -5.22 -29.26
CA GLU B 466 17.54 -5.17 -30.59
C GLU B 466 17.77 -3.86 -31.29
N ILE B 467 17.66 -2.75 -30.59
CA ILE B 467 17.79 -1.49 -31.26
C ILE B 467 19.18 -1.04 -31.02
N PRO B 468 19.93 -0.81 -32.08
CA PRO B 468 21.26 -0.27 -31.89
C PRO B 468 21.24 1.17 -31.43
N LYS B 469 22.29 1.64 -30.80
CA LYS B 469 22.29 2.98 -30.23
C LYS B 469 22.10 4.03 -31.25
N ASP B 470 22.65 3.82 -32.41
CA ASP B 470 22.57 4.80 -33.45
C ASP B 470 21.13 5.09 -33.80
N GLN B 471 20.28 4.10 -33.75
CA GLN B 471 18.93 4.29 -34.17
C GLN B 471 17.91 4.54 -33.08
N TRP B 472 18.32 4.90 -31.88
CA TRP B 472 17.35 5.01 -30.82
C TRP B 472 16.27 6.01 -31.12
N MET B 473 16.62 7.19 -31.58
CA MET B 473 15.59 8.18 -31.80
C MET B 473 14.69 7.84 -32.93
N LYS B 474 15.24 7.27 -33.96
CA LYS B 474 14.44 7.02 -35.12
C LYS B 474 13.34 6.12 -34.74
N THR B 475 13.65 5.09 -33.99
CA THR B 475 12.62 4.16 -33.68
C THR B 475 11.53 4.76 -32.86
N TRP B 476 11.84 5.68 -31.96
CA TRP B 476 10.80 6.18 -31.09
C TRP B 476 9.75 6.79 -31.89
N TRP B 477 10.13 7.62 -32.83
CA TRP B 477 9.15 8.30 -33.57
C TRP B 477 8.35 7.41 -34.46
N GLU B 478 8.98 6.43 -35.03
CA GLU B 478 8.26 5.53 -35.88
C GLU B 478 7.22 4.82 -35.11
N MET B 479 7.56 4.38 -33.92
CA MET B 479 6.63 3.64 -33.15
C MET B 479 5.45 4.50 -32.81
N LYS B 480 5.67 5.75 -32.47
CA LYS B 480 4.55 6.55 -32.09
C LYS B 480 3.63 6.68 -33.25
N ARG B 481 4.16 6.87 -34.43
CA ARG B 481 3.28 7.07 -35.52
C ARG B 481 2.45 5.86 -35.80
N ASN B 482 3.05 4.69 -35.77
CA ASN B 482 2.28 3.47 -35.96
C ASN B 482 1.31 3.04 -34.90
N ILE B 483 1.68 3.13 -33.63
CA ILE B 483 0.80 2.62 -32.61
C ILE B 483 -0.10 3.67 -32.00
N VAL B 484 0.43 4.81 -31.62
CA VAL B 484 -0.39 5.80 -30.93
C VAL B 484 -0.93 6.91 -31.77
N GLY B 485 -0.62 6.95 -33.04
CA GLY B 485 -1.07 8.02 -33.90
C GLY B 485 -0.72 9.46 -33.66
N VAL B 486 0.50 9.78 -33.28
CA VAL B 486 0.93 11.14 -33.09
C VAL B 486 2.17 11.39 -33.88
N VAL B 487 2.43 12.62 -34.29
CA VAL B 487 3.55 12.88 -35.16
C VAL B 487 4.35 14.04 -34.65
N GLU B 488 5.64 14.01 -34.91
CA GLU B 488 6.55 15.01 -34.45
C GLU B 488 6.27 16.39 -35.00
N PRO B 489 6.26 17.42 -34.12
CA PRO B 489 6.15 18.74 -34.71
C PRO B 489 7.34 19.15 -35.52
N VAL B 490 8.55 18.89 -35.06
CA VAL B 490 9.75 19.36 -35.75
C VAL B 490 10.75 18.23 -35.80
N PRO B 491 11.56 18.14 -36.87
CA PRO B 491 12.44 16.98 -36.96
C PRO B 491 13.46 16.86 -35.86
N HIS B 492 13.63 15.68 -35.31
CA HIS B 492 14.55 15.50 -34.20
C HIS B 492 15.65 14.52 -34.57
N ASP B 493 16.90 14.92 -34.40
CA ASP B 493 18.05 14.08 -34.74
C ASP B 493 18.46 13.15 -33.65
N GLU B 494 19.56 12.45 -33.84
CA GLU B 494 20.05 11.52 -32.82
C GLU B 494 20.49 12.11 -31.50
N THR B 495 21.01 13.32 -31.49
CA THR B 495 21.51 13.89 -30.26
C THR B 495 20.44 14.01 -29.20
N TYR B 496 19.22 14.33 -29.58
CA TYR B 496 18.13 14.47 -28.64
C TYR B 496 17.79 13.15 -28.00
N CYS B 497 17.27 13.16 -26.77
CA CYS B 497 16.81 11.93 -26.14
C CYS B 497 15.45 12.12 -25.58
N ASP B 498 14.44 12.06 -26.43
CA ASP B 498 13.12 12.34 -25.97
C ASP B 498 12.49 11.47 -24.91
N PRO B 499 12.69 10.17 -24.94
CA PRO B 499 11.98 9.40 -23.92
C PRO B 499 12.36 9.77 -22.54
N ALA B 500 13.57 10.24 -22.34
CA ALA B 500 14.06 10.53 -21.03
C ALA B 500 13.31 11.60 -20.27
N SER B 501 12.67 12.52 -20.94
CA SER B 501 12.05 13.61 -20.25
C SER B 501 11.01 13.20 -19.23
N LEU B 502 10.24 12.17 -19.46
CA LEU B 502 9.23 11.85 -18.51
C LEU B 502 9.84 11.49 -17.18
N PHE B 503 9.19 11.81 -16.08
CA PHE B 503 9.76 11.59 -14.77
C PHE B 503 10.08 10.18 -14.45
N HIS B 504 9.20 9.27 -14.75
CA HIS B 504 9.43 7.91 -14.35
C HIS B 504 10.66 7.36 -14.98
N VAL B 505 10.88 7.68 -16.22
CA VAL B 505 12.00 7.13 -16.91
C VAL B 505 13.28 7.57 -16.29
N ALA B 506 13.37 8.82 -15.92
CA ALA B 506 14.63 9.30 -15.41
C ALA B 506 14.84 9.06 -13.96
N ASN B 507 13.82 8.61 -13.28
CA ASN B 507 13.99 8.28 -11.89
C ASN B 507 13.89 6.80 -11.68
N ASP B 508 14.23 5.96 -12.65
CA ASP B 508 14.25 4.49 -12.43
C ASP B 508 13.01 3.88 -11.79
N TYR B 509 11.92 3.74 -12.53
CA TYR B 509 10.72 3.09 -12.02
C TYR B 509 10.16 2.22 -13.13
N SER B 510 9.35 1.22 -12.81
CA SER B 510 8.71 0.42 -13.86
C SER B 510 7.37 1.00 -14.24
N PHE B 511 7.08 1.09 -15.52
CA PHE B 511 5.85 1.71 -15.94
C PHE B 511 4.71 0.74 -16.25
N ILE B 512 4.96 -0.55 -16.20
CA ILE B 512 3.94 -1.54 -16.54
C ILE B 512 2.75 -1.53 -15.59
N ARG B 513 2.99 -1.27 -14.32
CA ARG B 513 1.93 -1.26 -13.33
C ARG B 513 0.66 -0.59 -13.77
N TYR B 514 0.78 0.49 -14.52
CA TYR B 514 -0.39 1.20 -14.92
C TYR B 514 -1.31 0.49 -15.90
N TYR B 515 -0.77 -0.19 -16.89
CA TYR B 515 -1.61 -0.92 -17.80
C TYR B 515 -2.34 -1.97 -17.09
N THR B 516 -1.67 -2.71 -16.26
CA THR B 516 -2.31 -3.81 -15.62
C THR B 516 -3.38 -3.36 -14.69
N ARG B 517 -3.18 -2.29 -13.98
CA ARG B 517 -4.16 -1.90 -13.00
C ARG B 517 -5.46 -1.66 -13.64
N THR B 518 -5.46 -1.01 -14.77
CA THR B 518 -6.69 -0.68 -15.38
C THR B 518 -7.47 -1.89 -15.77
N ILE B 519 -6.82 -2.89 -16.32
CA ILE B 519 -7.57 -4.02 -16.75
C ILE B 519 -8.20 -4.67 -15.56
N TYR B 520 -7.49 -4.73 -14.46
CA TYR B 520 -8.03 -5.37 -13.28
C TYR B 520 -9.22 -4.71 -12.69
N GLN B 521 -9.27 -3.39 -12.67
CA GLN B 521 -10.33 -2.74 -11.96
C GLN B 521 -11.64 -3.12 -12.46
N PHE B 522 -11.78 -3.11 -13.76
CA PHE B 522 -13.07 -3.38 -14.28
C PHE B 522 -13.48 -4.80 -14.04
N GLN B 523 -12.54 -5.70 -14.04
CA GLN B 523 -12.88 -7.08 -13.83
C GLN B 523 -13.49 -7.25 -12.47
N PHE B 524 -12.91 -6.62 -11.48
CA PHE B 524 -13.42 -6.74 -10.14
C PHE B 524 -14.80 -6.18 -10.06
N GLN B 525 -15.02 -5.05 -10.66
CA GLN B 525 -16.30 -4.41 -10.51
C GLN B 525 -17.39 -5.25 -11.06
N GLU B 526 -17.17 -5.87 -12.20
CA GLU B 526 -18.28 -6.59 -12.77
C GLU B 526 -18.66 -7.68 -11.85
N ALA B 527 -17.68 -8.34 -11.30
CA ALA B 527 -18.01 -9.45 -10.47
C ALA B 527 -18.78 -9.04 -9.25
N LEU B 528 -18.35 -7.98 -8.61
CA LEU B 528 -19.00 -7.59 -7.38
C LEU B 528 -20.41 -7.18 -7.67
N CYS B 529 -20.60 -6.50 -8.77
CA CYS B 529 -21.93 -6.04 -9.10
C CYS B 529 -22.88 -7.19 -9.29
N GLN B 530 -22.42 -8.26 -9.88
CA GLN B 530 -23.29 -9.38 -10.09
C GLN B 530 -23.80 -9.94 -8.78
N ILE B 531 -22.96 -10.02 -7.77
CA ILE B 531 -23.41 -10.50 -6.47
C ILE B 531 -24.42 -9.56 -5.91
N ALA B 532 -24.26 -8.28 -6.15
CA ALA B 532 -25.15 -7.30 -5.60
C ALA B 532 -26.43 -7.17 -6.39
N LYS B 533 -26.59 -7.94 -7.43
CA LYS B 533 -27.80 -7.96 -8.21
C LYS B 533 -28.24 -6.68 -8.88
N HIS B 534 -27.30 -5.93 -9.44
CA HIS B 534 -27.66 -4.74 -10.19
C HIS B 534 -28.21 -5.14 -11.51
N GLU B 535 -29.20 -4.43 -11.98
CA GLU B 535 -29.71 -4.69 -13.30
C GLU B 535 -29.58 -3.37 -14.00
N GLY B 536 -29.00 -3.37 -15.19
CA GLY B 536 -28.85 -2.15 -15.95
C GLY B 536 -27.49 -2.03 -16.54
N PRO B 537 -27.17 -0.86 -17.05
CA PRO B 537 -25.83 -0.69 -17.53
C PRO B 537 -24.86 -0.73 -16.40
N LEU B 538 -23.69 -1.26 -16.65
CA LEU B 538 -22.69 -1.34 -15.62
C LEU B 538 -22.30 0.04 -15.20
N HIS B 539 -22.43 1.03 -16.03
CA HIS B 539 -21.98 2.33 -15.59
C HIS B 539 -22.74 2.87 -14.39
N LYS B 540 -23.96 2.40 -14.14
CA LYS B 540 -24.74 2.84 -13.00
C LYS B 540 -24.70 2.00 -11.74
N CYS B 541 -23.85 1.00 -11.66
CA CYS B 541 -23.83 0.11 -10.51
C CYS B 541 -23.35 0.71 -9.24
N ASP B 542 -24.01 0.39 -8.13
CA ASP B 542 -23.58 0.86 -6.82
C ASP B 542 -23.53 -0.31 -5.87
N ILE B 543 -22.45 -0.47 -5.14
CA ILE B 543 -22.32 -1.64 -4.29
C ILE B 543 -22.77 -1.37 -2.89
N SER B 544 -23.29 -0.19 -2.63
CA SER B 544 -23.63 0.16 -1.27
C SER B 544 -24.73 -0.63 -0.68
N ASN B 545 -24.68 -0.80 0.63
CA ASN B 545 -25.69 -1.54 1.34
C ASN B 545 -25.82 -3.01 1.02
N SER B 546 -24.77 -3.63 0.54
CA SER B 546 -24.83 -5.07 0.35
C SER B 546 -23.70 -5.71 1.07
N SER B 547 -24.02 -6.51 2.05
CA SER B 547 -23.00 -7.16 2.82
C SER B 547 -22.25 -8.18 2.06
N GLU B 548 -22.92 -8.88 1.18
CA GLU B 548 -22.29 -9.99 0.51
C GLU B 548 -21.09 -9.58 -0.25
N ALA B 549 -21.15 -8.44 -0.89
CA ALA B 549 -20.05 -8.02 -1.67
C ALA B 549 -18.86 -7.83 -0.81
N GLY B 550 -19.06 -7.27 0.34
CA GLY B 550 -17.92 -6.99 1.16
C GLY B 550 -17.24 -8.24 1.57
N GLN B 551 -17.99 -9.26 1.89
CA GLN B 551 -17.35 -10.44 2.38
C GLN B 551 -16.46 -11.01 1.32
N LYS B 552 -16.88 -11.04 0.07
CA LYS B 552 -16.04 -11.66 -0.92
C LYS B 552 -14.75 -10.93 -1.06
N LEU B 553 -14.78 -9.62 -1.07
CA LEU B 553 -13.58 -8.88 -1.23
C LEU B 553 -12.69 -9.13 -0.07
N LEU B 554 -13.25 -9.23 1.12
CA LEU B 554 -12.41 -9.37 2.28
C LEU B 554 -11.60 -10.61 2.18
N GLU B 555 -12.15 -11.67 1.64
CA GLU B 555 -11.39 -12.88 1.63
C GLU B 555 -10.13 -12.70 0.89
N MET B 556 -10.17 -12.01 -0.23
CA MET B 556 -8.95 -11.74 -0.93
C MET B 556 -8.01 -10.85 -0.18
N LEU B 557 -8.52 -9.84 0.48
CA LEU B 557 -7.63 -8.90 1.09
C LEU B 557 -6.79 -9.52 2.14
N LYS B 558 -7.34 -10.42 2.92
CA LYS B 558 -6.60 -10.99 4.03
C LYS B 558 -5.39 -11.77 3.64
N LEU B 559 -5.35 -12.31 2.45
CA LEU B 559 -4.25 -13.17 2.04
C LEU B 559 -2.90 -12.52 2.01
N GLY B 560 -2.83 -11.28 1.59
CA GLY B 560 -1.55 -10.66 1.46
C GLY B 560 -0.78 -11.33 0.39
N LYS B 561 0.48 -11.64 0.61
CA LYS B 561 1.29 -12.20 -0.42
C LYS B 561 1.49 -13.65 -0.20
N SER B 562 0.71 -14.23 0.67
CA SER B 562 0.88 -15.60 1.00
C SER B 562 0.65 -16.54 -0.13
N LYS B 563 -0.32 -16.28 -0.98
CA LYS B 563 -0.66 -17.19 -2.04
C LYS B 563 -0.44 -16.49 -3.36
N PRO B 564 -0.26 -17.22 -4.46
CA PRO B 564 0.08 -16.58 -5.72
C PRO B 564 -0.96 -15.67 -6.29
N TRP B 565 -0.58 -14.70 -7.10
CA TRP B 565 -1.54 -13.73 -7.59
C TRP B 565 -2.64 -14.36 -8.36
N THR B 566 -2.33 -15.37 -9.12
CA THR B 566 -3.33 -15.98 -9.91
C THR B 566 -4.40 -16.54 -9.03
N TYR B 567 -4.04 -17.12 -7.92
CA TYR B 567 -5.02 -17.74 -7.06
C TYR B 567 -5.95 -16.73 -6.57
N ALA B 568 -5.42 -15.59 -6.20
CA ALA B 568 -6.26 -14.58 -5.63
C ALA B 568 -7.30 -14.06 -6.54
N LEU B 569 -6.94 -13.82 -7.79
CA LEU B 569 -7.88 -13.25 -8.70
C LEU B 569 -8.99 -14.22 -8.82
N GLU B 570 -8.69 -15.49 -8.83
CA GLU B 570 -9.71 -16.46 -9.02
C GLU B 570 -10.73 -16.42 -7.96
N ILE B 571 -10.35 -16.15 -6.72
CA ILE B 571 -11.32 -16.21 -5.67
C ILE B 571 -12.41 -15.21 -5.89
N VAL B 572 -12.08 -13.97 -6.16
CA VAL B 572 -13.12 -13.00 -6.48
C VAL B 572 -13.82 -13.09 -7.83
N VAL B 573 -13.07 -13.24 -8.91
CA VAL B 573 -13.68 -13.18 -10.24
C VAL B 573 -13.89 -14.44 -11.03
N GLY B 574 -13.39 -15.57 -10.56
CA GLY B 574 -13.61 -16.82 -11.26
C GLY B 574 -12.72 -17.21 -12.42
N ALA B 575 -11.66 -16.47 -12.68
CA ALA B 575 -10.74 -16.83 -13.75
C ALA B 575 -9.31 -16.53 -13.39
N LYS B 576 -8.36 -17.17 -14.04
CA LYS B 576 -6.98 -16.99 -13.66
C LYS B 576 -6.19 -15.98 -14.44
N ASN B 577 -6.80 -15.31 -15.41
CA ASN B 577 -6.02 -14.42 -16.25
C ASN B 577 -6.70 -13.14 -16.60
N MET B 578 -5.94 -12.14 -17.00
CA MET B 578 -6.53 -10.87 -17.37
C MET B 578 -7.42 -10.95 -18.58
N ASP B 579 -8.54 -10.25 -18.58
CA ASP B 579 -9.43 -10.21 -19.73
C ASP B 579 -9.94 -8.82 -19.93
N VAL B 580 -10.12 -8.41 -21.17
CA VAL B 580 -10.53 -7.08 -21.42
C VAL B 580 -12.00 -6.99 -21.75
N ARG B 581 -12.70 -8.09 -21.71
CA ARG B 581 -14.12 -8.01 -21.94
C ARG B 581 -14.88 -7.15 -20.98
N PRO B 582 -14.55 -7.20 -19.70
CA PRO B 582 -15.33 -6.28 -18.87
C PRO B 582 -15.17 -4.80 -19.25
N LEU B 583 -13.99 -4.32 -19.59
CA LEU B 583 -13.84 -2.91 -19.88
C LEU B 583 -14.69 -2.58 -21.04
N LEU B 584 -14.70 -3.43 -22.03
CA LEU B 584 -15.45 -3.12 -23.20
C LEU B 584 -16.92 -3.00 -22.89
N ASN B 585 -17.44 -3.82 -21.99
CA ASN B 585 -18.82 -3.65 -21.63
C ASN B 585 -19.18 -2.35 -20.99
N TYR B 586 -18.31 -1.82 -20.16
CA TYR B 586 -18.60 -0.59 -19.48
C TYR B 586 -18.76 0.49 -20.47
N PHE B 587 -17.94 0.53 -21.50
CA PHE B 587 -17.96 1.64 -22.44
C PHE B 587 -18.85 1.40 -23.62
N GLU B 588 -19.61 0.34 -23.58
CA GLU B 588 -20.48 0.02 -24.69
C GLU B 588 -21.52 1.04 -25.06
N PRO B 589 -22.16 1.68 -24.07
CA PRO B 589 -23.11 2.66 -24.55
C PRO B 589 -22.45 3.74 -25.40
N LEU B 590 -21.26 4.18 -25.06
CA LEU B 590 -20.56 5.17 -25.85
C LEU B 590 -20.23 4.69 -27.22
N PHE B 591 -19.77 3.46 -27.33
CA PHE B 591 -19.33 3.00 -28.63
C PHE B 591 -20.41 3.18 -29.66
N THR B 592 -21.67 2.86 -29.33
CA THR B 592 -22.66 2.95 -30.34
C THR B 592 -22.81 4.37 -30.80
N TRP B 593 -22.80 5.30 -29.88
CA TRP B 593 -22.97 6.68 -30.24
C TRP B 593 -21.85 7.12 -31.09
N LEU B 594 -20.64 6.73 -30.75
CA LEU B 594 -19.50 7.22 -31.47
C LEU B 594 -19.63 6.76 -32.88
N LYS B 595 -20.09 5.56 -33.07
CA LYS B 595 -20.15 5.04 -34.40
C LYS B 595 -21.07 5.84 -35.26
N GLU B 596 -22.20 6.26 -34.74
CA GLU B 596 -23.03 7.09 -35.56
C GLU B 596 -22.38 8.40 -35.92
N GLN B 597 -21.73 9.04 -34.98
CA GLN B 597 -21.16 10.33 -35.27
C GLN B 597 -20.13 10.45 -36.34
N ASN B 598 -19.25 9.49 -36.43
CA ASN B 598 -18.18 9.57 -37.39
C ASN B 598 -18.44 8.74 -38.65
N ARG B 599 -19.72 8.59 -38.92
CA ARG B 599 -20.12 7.70 -40.00
C ARG B 599 -19.59 8.34 -41.23
N ASN B 600 -19.71 9.64 -41.32
CA ASN B 600 -19.12 10.32 -42.47
C ASN B 600 -17.60 10.34 -42.55
N SER B 601 -16.93 10.52 -41.42
CA SER B 601 -15.47 10.65 -41.43
C SER B 601 -14.60 9.44 -41.65
N PHE B 602 -13.37 9.67 -42.06
CA PHE B 602 -12.43 8.57 -42.24
C PHE B 602 -11.96 8.09 -40.89
N VAL B 603 -11.85 6.80 -40.71
CA VAL B 603 -11.31 6.28 -39.48
C VAL B 603 -9.97 5.69 -39.81
N GLY B 604 -8.95 6.01 -39.04
CA GLY B 604 -7.62 5.48 -39.28
C GLY B 604 -6.57 6.56 -39.46
N TRP B 605 -5.30 6.17 -39.46
CA TRP B 605 -4.29 7.15 -39.67
C TRP B 605 -3.37 6.74 -40.75
N ASN B 606 -2.85 7.71 -41.47
CA ASN B 606 -1.89 7.42 -42.49
C ASN B 606 -0.60 7.97 -42.00
N THR B 607 0.42 7.16 -41.94
CA THR B 607 1.68 7.59 -41.37
C THR B 607 2.45 8.63 -42.14
N ASP B 608 2.19 8.77 -43.41
CA ASP B 608 2.94 9.69 -44.24
C ASP B 608 2.92 11.18 -43.95
N TRP B 609 1.78 11.74 -43.57
CA TRP B 609 1.69 13.20 -43.40
C TRP B 609 2.57 13.73 -42.31
N SER B 610 3.19 14.88 -42.56
CA SER B 610 4.06 15.48 -41.58
C SER B 610 3.73 16.93 -41.41
N PRO B 611 3.74 17.43 -40.15
CA PRO B 611 3.54 18.88 -40.11
C PRO B 611 4.90 19.50 -40.43
N TYR B 612 5.88 18.67 -40.76
CA TYR B 612 7.20 19.18 -41.11
C TYR B 612 7.00 20.00 -42.36
N ALA B 613 6.20 19.48 -43.29
CA ALA B 613 5.92 20.18 -44.55
C ALA B 613 7.13 20.87 -45.16
#